data_1ZDQ
#
_entry.id   1ZDQ
#
_cell.length_a   61.968
_cell.length_b   103.012
_cell.length_c   146.903
_cell.angle_alpha   90.00
_cell.angle_beta   90.00
_cell.angle_gamma   90.00
#
_symmetry.space_group_name_H-M   'P 21 21 21'
#
loop_
_entity.id
_entity.type
_entity.pdbx_description
1 polymer 'Copper-containing nitrite reductase'
2 non-polymer 'COPPER (II) ION'
3 non-polymer (METHYLSULFANYL)METHANE
4 water water
#
_entity_poly.entity_id   1
_entity_poly.type   'polypeptide(L)'
_entity_poly.pdbx_seq_one_letter_code
;ATAAEIAALPRQKVELVDPPFVHAHSQVAEGGPKVVEFTMVIEEKKIVIDDAGTEVHAMAFNGTVPGPLMVVHQDDYLEL
TLINPETNTLMHNIDFHAATGALGGGGLTEINPGEKTILRFKATKPGVFVYHCAPPGMVPWHVVSGGNGAIMVLPREGLH
DGKGKALTYDKIYYVGEQDFYVPRDENGKYKKYEAPGDAYEDTVKVMRTLTPTHVVFNGAVGALTGDKAMTAAVGEKVLI
VHSQANRDTRPHLIGGHGDYVWATGKFNTPPDVDQETWFIPGGAAGAAFYTFQQPGIYAYVNHNLIEAFELGAAAHFKVT
GEWNDDLMTSVLAPSG
;
_entity_poly.pdbx_strand_id   A,B,C
#
# COMPACT_ATOMS: atom_id res chain seq x y z
N THR A 2 27.29 29.94 -8.53
CA THR A 2 28.79 29.82 -8.51
C THR A 2 29.30 29.61 -7.07
N ALA A 3 30.62 29.51 -6.93
CA ALA A 3 31.27 29.25 -5.64
C ALA A 3 31.14 30.42 -4.65
N ALA A 4 31.37 31.63 -5.14
CA ALA A 4 31.26 32.83 -4.33
C ALA A 4 29.83 33.05 -3.85
N GLU A 5 28.88 32.70 -4.71
CA GLU A 5 27.45 32.93 -4.46
C GLU A 5 26.90 32.08 -3.31
N ILE A 6 27.30 30.82 -3.25
CA ILE A 6 26.85 29.94 -2.18
C ILE A 6 27.45 30.41 -0.86
N ALA A 7 28.73 30.77 -0.90
CA ALA A 7 29.43 31.30 0.27
C ALA A 7 28.79 32.61 0.76
N ALA A 8 28.21 33.37 -0.15
CA ALA A 8 27.59 34.66 0.17
C ALA A 8 26.14 34.55 0.68
N LEU A 9 25.52 33.37 0.56
CA LEU A 9 24.15 33.19 1.03
C LEU A 9 24.08 33.37 2.55
N PRO A 10 23.00 33.98 3.04
CA PRO A 10 22.84 34.20 4.48
C PRO A 10 22.77 32.87 5.25
N ARG A 11 23.19 32.90 6.52
CA ARG A 11 23.13 31.75 7.42
C ARG A 11 22.18 32.09 8.56
N GLN A 12 21.18 31.23 8.80
CA GLN A 12 20.20 31.41 9.87
C GLN A 12 20.09 30.16 10.74
N LYS A 13 20.35 30.34 12.04
CA LYS A 13 20.19 29.27 13.04
C LYS A 13 18.75 29.21 13.56
N VAL A 14 18.23 27.99 13.67
CA VAL A 14 16.84 27.77 14.09
C VAL A 14 16.84 26.88 15.33
N GLU A 15 16.01 27.25 16.31
CA GLU A 15 15.87 26.45 17.53
C GLU A 15 14.77 25.43 17.30
N LEU A 16 15.07 24.16 17.53
CA LEU A 16 14.08 23.10 17.30
C LEU A 16 13.08 23.04 18.44
N VAL A 17 11.92 22.45 18.16
CA VAL A 17 10.95 22.12 19.19
C VAL A 17 10.55 20.64 19.04
N ASP A 18 10.11 20.05 20.14
CA ASP A 18 9.82 18.61 20.17
C ASP A 18 8.49 18.30 19.50
N PRO A 19 8.40 17.17 18.82
CA PRO A 19 7.12 16.72 18.26
C PRO A 19 6.06 16.51 19.37
N PRO A 20 4.79 16.68 19.03
CA PRO A 20 4.29 16.94 17.67
C PRO A 20 4.31 18.40 17.20
N PHE A 21 4.91 19.28 17.98
CA PHE A 21 4.98 20.70 17.64
C PHE A 21 6.10 20.94 16.63
N VAL A 22 6.06 22.11 16.00
CA VAL A 22 6.99 22.44 14.93
C VAL A 22 7.59 23.84 15.16
N HIS A 23 8.87 23.98 14.81
CA HIS A 23 9.60 25.21 15.05
C HIS A 23 9.07 26.33 14.16
N ALA A 24 9.49 27.55 14.49
CA ALA A 24 9.01 28.75 13.81
C ALA A 24 9.37 28.74 12.34
N HIS A 25 8.39 29.04 11.50
CA HIS A 25 8.63 29.12 10.07
C HIS A 25 7.51 29.88 9.37
N SER A 26 7.82 30.29 8.13
CA SER A 26 6.84 30.92 7.26
C SER A 26 6.48 29.98 6.11
N GLN A 27 5.23 30.00 5.68
CA GLN A 27 4.78 29.12 4.60
C GLN A 27 5.32 29.59 3.24
N VAL A 28 5.14 30.87 2.96
CA VAL A 28 5.84 31.51 1.84
C VAL A 28 7.26 31.88 2.28
N ALA A 29 8.24 31.56 1.44
CA ALA A 29 9.63 31.88 1.71
C ALA A 29 9.80 33.37 1.94
N GLU A 30 10.55 33.73 2.98
CA GLU A 30 10.86 35.12 3.29
C GLU A 30 12.27 35.40 2.79
N GLY A 31 12.35 36.04 1.63
CA GLY A 31 13.63 36.33 0.99
C GLY A 31 14.02 35.24 0.02
N GLY A 32 15.29 35.27 -0.40
CA GLY A 32 15.83 34.27 -1.30
C GLY A 32 16.45 33.10 -0.54
N PRO A 33 17.10 32.20 -1.26
CA PRO A 33 17.75 31.01 -0.67
C PRO A 33 18.62 31.31 0.55
N LYS A 34 18.51 30.47 1.57
CA LYS A 34 19.27 30.56 2.81
C LYS A 34 19.91 29.22 3.14
N VAL A 35 20.97 29.26 3.94
CA VAL A 35 21.51 28.09 4.61
C VAL A 35 20.87 28.09 5.99
N VAL A 36 20.01 27.11 6.24
CA VAL A 36 19.28 27.00 7.50
C VAL A 36 20.04 26.01 8.39
N GLU A 37 20.48 26.48 9.55
CA GLU A 37 21.37 25.70 10.41
C GLU A 37 20.58 25.10 11.55
N PHE A 38 20.74 23.80 11.77
CA PHE A 38 20.17 23.09 12.90
C PHE A 38 21.27 22.33 13.63
N THR A 39 21.06 22.10 14.92
CA THR A 39 21.97 21.27 15.71
C THR A 39 21.11 20.23 16.44
N MET A 40 21.55 18.98 16.40
CA MET A 40 20.94 17.90 17.15
C MET A 40 21.99 17.02 17.82
N VAL A 41 21.82 16.82 19.12
CA VAL A 41 22.58 15.85 19.89
C VAL A 41 21.81 14.54 19.89
N ILE A 42 22.49 13.43 19.63
CA ILE A 42 21.88 12.12 19.65
C ILE A 42 21.96 11.59 21.08
N GLU A 43 20.81 11.19 21.62
CA GLU A 43 20.73 10.61 22.96
C GLU A 43 20.32 9.15 22.90
N GLU A 44 21.21 8.27 23.34
CA GLU A 44 20.81 6.89 23.64
C GLU A 44 20.17 6.90 25.02
N LYS A 45 18.90 6.54 25.10
CA LYS A 45 18.24 6.47 26.39
C LYS A 45 17.15 5.43 26.47
N LYS A 46 16.92 4.94 27.68
CA LYS A 46 15.83 4.01 27.92
C LYS A 46 14.56 4.83 28.00
N ILE A 47 13.58 4.47 27.17
CA ILE A 47 12.26 5.09 27.21
C ILE A 47 11.22 4.01 27.54
N VAL A 48 10.10 4.45 28.10
CA VAL A 48 8.98 3.57 28.42
C VAL A 48 7.90 3.81 27.36
N ILE A 49 7.46 2.74 26.70
CA ILE A 49 6.60 2.87 25.51
C ILE A 49 5.15 2.43 25.72
N ASP A 50 4.80 1.92 26.90
CA ASP A 50 3.43 1.47 27.15
C ASP A 50 3.06 1.60 28.63
N ASP A 51 1.86 1.15 29.00
CA ASP A 51 1.34 1.34 30.36
C ASP A 51 1.83 0.28 31.35
N ALA A 52 2.58 -0.70 30.84
CA ALA A 52 3.12 -1.77 31.66
C ALA A 52 4.63 -1.63 31.90
N GLY A 53 5.17 -0.43 31.69
CA GLY A 53 6.58 -0.16 31.94
C GLY A 53 7.59 -0.77 30.96
N THR A 54 7.10 -1.14 29.77
CA THR A 54 7.96 -1.75 28.75
C THR A 54 9.04 -0.76 28.29
N GLU A 55 10.29 -1.24 28.28
CA GLU A 55 11.46 -0.43 27.93
C GLU A 55 12.03 -0.74 26.55
N VAL A 56 12.55 0.30 25.92
CA VAL A 56 13.37 0.20 24.72
C VAL A 56 14.59 1.10 24.91
N HIS A 57 15.76 0.61 24.55
CA HIS A 57 16.94 1.46 24.44
C HIS A 57 16.82 2.21 23.10
N ALA A 58 16.40 3.47 23.18
CA ALA A 58 16.10 4.27 22.01
C ALA A 58 17.29 5.04 21.49
N MET A 59 17.33 5.29 20.18
CA MET A 59 18.18 6.30 19.59
C MET A 59 17.33 7.53 19.35
N ALA A 60 17.57 8.59 20.12
CA ALA A 60 16.70 9.76 20.11
C ALA A 60 17.45 10.97 19.58
N PHE A 61 17.28 11.25 18.29
CA PHE A 61 17.73 12.52 17.70
C PHE A 61 17.13 13.67 18.49
N ASN A 62 18.00 14.56 18.99
CA ASN A 62 17.57 15.71 19.79
C ASN A 62 16.85 15.35 21.09
N GLY A 63 17.00 14.11 21.54
CA GLY A 63 16.33 13.63 22.74
C GLY A 63 14.90 13.15 22.60
N THR A 64 14.38 13.07 21.37
CA THR A 64 12.99 12.62 21.16
C THR A 64 12.83 11.51 20.14
N VAL A 65 11.76 10.75 20.30
CA VAL A 65 11.26 9.80 19.30
C VAL A 65 9.84 10.24 18.92
N PRO A 66 9.60 10.65 17.67
CA PRO A 66 10.59 10.73 16.61
C PRO A 66 11.50 11.92 16.85
N GLY A 67 12.55 12.04 16.06
CA GLY A 67 13.32 13.25 16.02
C GLY A 67 12.44 14.39 15.52
N PRO A 68 12.84 15.62 15.80
CA PRO A 68 12.04 16.80 15.45
C PRO A 68 11.92 17.04 13.95
N LEU A 69 10.84 17.72 13.58
CA LEU A 69 10.63 18.18 12.20
C LEU A 69 11.47 19.42 11.92
N MET A 70 12.28 19.35 10.87
CA MET A 70 13.02 20.49 10.35
C MET A 70 12.28 21.00 9.11
N VAL A 71 12.22 22.32 8.98
CA VAL A 71 11.42 22.97 7.95
C VAL A 71 12.29 24.00 7.22
N VAL A 72 12.45 23.79 5.92
CA VAL A 72 13.13 24.72 5.02
C VAL A 72 12.25 24.93 3.78
N HIS A 73 12.74 25.74 2.84
CA HIS A 73 12.09 25.94 1.55
C HIS A 73 12.93 25.36 0.42
N GLN A 74 12.27 25.08 -0.70
CA GLN A 74 12.94 24.52 -1.85
C GLN A 74 14.09 25.43 -2.28
N ASP A 75 15.25 24.81 -2.47
CA ASP A 75 16.52 25.45 -2.85
C ASP A 75 17.21 26.27 -1.76
N ASP A 76 16.71 26.17 -0.53
CA ASP A 76 17.52 26.44 0.65
C ASP A 76 18.51 25.29 0.80
N TYR A 77 19.52 25.49 1.63
CA TYR A 77 20.41 24.44 2.06
C TYR A 77 20.11 24.17 3.52
N LEU A 78 20.10 22.90 3.88
CA LEU A 78 19.99 22.49 5.26
C LEU A 78 21.38 22.10 5.72
N GLU A 79 21.86 22.73 6.78
CA GLU A 79 23.18 22.48 7.32
C GLU A 79 23.03 22.01 8.76
N LEU A 80 23.17 20.70 8.96
CA LEU A 80 22.98 20.08 10.26
C LEU A 80 24.30 19.82 10.96
N THR A 81 24.42 20.26 12.20
CA THR A 81 25.48 19.84 13.10
C THR A 81 24.93 18.66 13.91
N LEU A 82 25.56 17.50 13.80
CA LEU A 82 25.11 16.29 14.48
C LEU A 82 26.17 15.86 15.49
N ILE A 83 25.77 15.69 16.75
CA ILE A 83 26.70 15.42 17.85
C ILE A 83 26.37 14.08 18.48
N ASN A 84 27.40 13.25 18.66
CA ASN A 84 27.28 11.96 19.33
C ASN A 84 28.15 11.99 20.60
N PRO A 85 27.52 12.26 21.75
CA PRO A 85 28.26 12.46 23.00
C PRO A 85 29.04 11.22 23.44
N GLU A 86 30.13 11.43 24.16
CA GLU A 86 30.98 10.32 24.61
C GLU A 86 30.30 9.31 25.54
N THR A 87 29.18 9.71 26.15
CA THR A 87 28.39 8.80 27.00
C THR A 87 27.59 7.76 26.23
N ASN A 88 27.39 7.97 24.92
CA ASN A 88 26.78 6.94 24.06
C ASN A 88 27.76 5.77 23.80
N THR A 89 27.22 4.61 23.44
CA THR A 89 28.00 3.39 23.19
C THR A 89 28.18 3.05 21.72
N LEU A 90 27.31 3.59 20.87
CA LEU A 90 27.26 3.21 19.45
C LEU A 90 27.57 4.37 18.51
N MET A 91 28.12 4.01 17.35
CA MET A 91 28.20 4.92 16.22
C MET A 91 26.80 5.17 15.65
N HIS A 92 26.57 6.40 15.23
CA HIS A 92 25.33 6.78 14.58
C HIS A 92 25.63 7.66 13.37
N ASN A 93 24.62 7.88 12.53
CA ASN A 93 24.73 8.79 11.40
C ASN A 93 23.33 9.28 10.97
N ILE A 94 23.23 9.87 9.79
CA ILE A 94 21.93 10.34 9.30
C ILE A 94 21.81 10.27 7.76
N ASP A 95 20.63 9.83 7.31
CA ASP A 95 20.27 9.68 5.91
C ASP A 95 19.02 10.55 5.76
N PHE A 96 19.17 11.66 5.02
CA PHE A 96 18.05 12.49 4.62
C PHE A 96 17.52 12.00 3.29
N HIS A 97 16.28 11.50 3.28
CA HIS A 97 15.63 11.15 2.03
C HIS A 97 15.45 12.37 1.10
N ALA A 98 15.52 13.58 1.67
CA ALA A 98 15.39 14.83 0.90
C ALA A 98 16.66 15.18 0.10
N ALA A 99 17.77 14.59 0.50
CA ALA A 99 19.08 14.94 -0.03
C ALA A 99 19.49 14.04 -1.18
N THR A 100 20.48 14.51 -1.94
CA THR A 100 21.05 13.79 -3.06
C THR A 100 22.54 13.57 -2.87
N GLY A 101 22.93 12.31 -2.77
CA GLY A 101 24.33 11.91 -2.67
C GLY A 101 24.66 11.13 -1.40
N ALA A 102 25.74 10.35 -1.47
CA ALA A 102 26.34 9.70 -0.30
C ALA A 102 25.32 9.06 0.64
N LEU A 103 24.46 8.24 0.05
CA LEU A 103 23.43 7.49 0.78
C LEU A 103 22.57 8.43 1.65
N GLY A 104 22.22 9.59 1.10
CA GLY A 104 21.41 10.58 1.80
C GLY A 104 22.16 11.42 2.84
N GLY A 105 23.48 11.34 2.85
CA GLY A 105 24.30 11.90 3.92
C GLY A 105 24.93 10.86 4.85
N GLY A 106 24.39 9.65 4.85
CA GLY A 106 24.85 8.59 5.75
C GLY A 106 26.32 8.24 5.62
N GLY A 107 26.83 8.25 4.39
CA GLY A 107 28.24 7.98 4.13
C GLY A 107 29.20 9.05 4.63
N LEU A 108 28.68 10.23 4.94
CA LEU A 108 29.51 11.37 5.37
C LEU A 108 29.34 11.75 6.85
N THR A 109 28.42 11.08 7.56
CA THR A 109 28.06 11.50 8.91
C THR A 109 28.24 10.42 9.99
N GLU A 110 29.04 9.40 9.69
CA GLU A 110 29.30 8.33 10.64
C GLU A 110 30.17 8.85 11.80
N ILE A 111 29.52 9.09 12.93
CA ILE A 111 30.18 9.66 14.10
C ILE A 111 30.17 8.68 15.28
N ASN A 112 31.35 8.33 15.77
CA ASN A 112 31.50 7.55 17.00
C ASN A 112 31.19 8.41 18.21
N PRO A 113 30.90 7.79 19.35
CA PRO A 113 30.77 8.56 20.60
C PRO A 113 31.99 9.46 20.84
N GLY A 114 31.75 10.73 21.19
CA GLY A 114 32.77 11.76 21.27
C GLY A 114 33.08 12.52 19.99
N GLU A 115 32.30 12.29 18.93
CA GLU A 115 32.52 12.99 17.66
C GLU A 115 31.28 13.78 17.23
N LYS A 116 31.52 14.80 16.41
CA LYS A 116 30.46 15.54 15.72
C LYS A 116 30.79 15.67 14.24
N THR A 117 29.80 16.12 13.49
CA THR A 117 29.97 16.34 12.07
C THR A 117 29.02 17.44 11.60
N ILE A 118 29.34 18.06 10.48
CA ILE A 118 28.46 19.05 9.88
C ILE A 118 28.23 18.68 8.42
N LEU A 119 26.98 18.46 8.08
CA LEU A 119 26.57 18.12 6.72
C LEU A 119 25.68 19.23 6.16
N ARG A 120 25.93 19.61 4.91
CA ARG A 120 25.07 20.54 4.20
C ARG A 120 24.57 19.91 2.92
N PHE A 121 23.27 20.07 2.66
CA PHE A 121 22.69 19.63 1.38
C PHE A 121 21.67 20.63 0.86
N LYS A 122 21.59 20.73 -0.46
CA LYS A 122 20.56 21.54 -1.11
C LYS A 122 19.25 20.80 -1.17
N ALA A 123 18.19 21.42 -0.65
CA ALA A 123 16.85 20.83 -0.65
C ALA A 123 16.17 21.12 -1.99
N THR A 124 16.52 20.34 -3.00
CA THR A 124 16.10 20.62 -4.39
C THR A 124 14.66 20.20 -4.70
N LYS A 125 14.08 19.34 -3.87
CA LYS A 125 12.77 18.74 -4.14
C LYS A 125 11.79 19.06 -3.00
N PRO A 126 10.62 19.61 -3.34
CA PRO A 126 9.64 20.02 -2.34
C PRO A 126 8.79 18.86 -1.85
N GLY A 127 8.59 18.80 -0.54
CA GLY A 127 7.82 17.73 0.06
C GLY A 127 8.19 17.48 1.50
N VAL A 128 7.49 16.54 2.11
CA VAL A 128 7.91 15.96 3.38
C VAL A 128 8.69 14.67 3.10
N PHE A 129 9.71 14.44 3.91
CA PHE A 129 10.68 13.39 3.65
C PHE A 129 11.12 12.81 4.98
N VAL A 130 11.30 11.50 5.04
CA VAL A 130 11.89 10.85 6.19
C VAL A 130 13.39 11.18 6.32
N TYR A 131 13.87 11.27 7.55
CA TYR A 131 15.29 11.07 7.85
C TYR A 131 15.42 9.94 8.87
N HIS A 132 16.54 9.22 8.80
CA HIS A 132 16.81 8.16 9.76
C HIS A 132 18.29 7.84 9.85
N CYS A 133 18.66 7.26 10.98
CA CYS A 133 19.98 6.69 11.19
C CYS A 133 20.14 5.47 10.30
N ALA A 134 21.36 5.22 9.84
CA ALA A 134 21.64 4.11 8.95
C ALA A 134 23.11 3.64 8.98
N PRO A 135 23.57 3.13 10.12
CA PRO A 135 24.94 2.62 10.20
C PRO A 135 25.05 1.30 9.43
N PRO A 136 25.94 1.23 8.46
CA PRO A 136 26.07 0.03 7.62
C PRO A 136 26.08 -1.27 8.42
N GLY A 137 25.24 -2.21 8.01
CA GLY A 137 25.14 -3.50 8.65
C GLY A 137 24.19 -3.58 9.83
N MET A 138 23.71 -2.44 10.31
CA MET A 138 22.77 -2.40 11.45
C MET A 138 21.67 -1.36 11.24
N VAL A 139 21.30 -1.17 9.98
CA VAL A 139 20.36 -0.12 9.62
C VAL A 139 19.01 -0.30 10.29
N PRO A 140 18.30 -1.42 10.09
CA PRO A 140 16.97 -1.56 10.70
C PRO A 140 16.98 -1.46 12.22
N TRP A 141 18.01 -1.98 12.88
CA TRP A 141 18.06 -1.92 14.34
C TRP A 141 18.00 -0.50 14.84
N HIS A 142 18.77 0.40 14.23
CA HIS A 142 18.77 1.79 14.65
C HIS A 142 17.43 2.47 14.34
N VAL A 143 16.86 2.16 13.19
CA VAL A 143 15.62 2.81 12.76
C VAL A 143 14.44 2.37 13.65
N VAL A 144 14.32 1.06 13.92
CA VAL A 144 13.23 0.56 14.78
C VAL A 144 13.49 0.76 16.28
N SER A 145 14.64 1.32 16.63
CA SER A 145 14.91 1.79 18.00
C SER A 145 14.56 3.29 18.13
N GLY A 146 13.91 3.85 17.11
CA GLY A 146 13.39 5.22 17.15
C GLY A 146 14.27 6.27 16.48
N GLY A 147 15.35 5.84 15.83
CA GLY A 147 16.28 6.75 15.17
C GLY A 147 15.76 7.27 13.84
N ASN A 148 14.71 8.07 13.90
CA ASN A 148 14.10 8.61 12.68
C ASN A 148 13.21 9.80 12.98
N GLY A 149 13.04 10.64 11.97
CA GLY A 149 12.16 11.79 12.01
C GLY A 149 11.76 12.16 10.59
N ALA A 150 11.46 13.44 10.39
CA ALA A 150 11.19 13.95 9.04
C ALA A 150 11.60 15.40 8.90
N ILE A 151 11.68 15.85 7.65
CA ILE A 151 11.75 17.27 7.37
C ILE A 151 10.62 17.65 6.41
N MET A 152 10.34 18.95 6.34
CA MET A 152 9.43 19.49 5.35
C MET A 152 10.19 20.53 4.53
N VAL A 153 10.18 20.35 3.20
CA VAL A 153 10.73 21.30 2.25
C VAL A 153 9.53 21.95 1.57
N LEU A 154 9.15 23.13 2.04
CA LEU A 154 7.99 23.82 1.49
C LEU A 154 8.34 24.39 0.12
N PRO A 155 7.37 24.48 -0.79
CA PRO A 155 7.60 25.28 -1.99
C PRO A 155 7.86 26.72 -1.57
N ARG A 156 8.72 27.42 -2.29
CA ARG A 156 9.00 28.83 -1.98
C ARG A 156 7.72 29.67 -1.91
N GLU A 157 6.70 29.28 -2.66
CA GLU A 157 5.46 30.01 -2.75
C GLU A 157 4.33 29.42 -1.87
N GLY A 158 4.69 28.56 -0.92
CA GLY A 158 3.71 27.88 -0.06
C GLY A 158 3.01 26.74 -0.75
N LEU A 159 2.04 26.13 -0.07
CA LEU A 159 1.28 25.01 -0.62
C LEU A 159 0.14 25.48 -1.52
N HIS A 160 -0.21 24.62 -2.47
CA HIS A 160 -1.26 24.88 -3.45
C HIS A 160 -2.06 23.60 -3.70
N ASP A 161 -3.31 23.76 -4.15
CA ASP A 161 -4.09 22.59 -4.55
C ASP A 161 -3.76 22.23 -6.00
N GLY A 162 -4.44 21.22 -6.54
CA GLY A 162 -4.21 20.74 -7.89
C GLY A 162 -4.46 21.77 -8.99
N LYS A 163 -5.30 22.76 -8.71
CA LYS A 163 -5.63 23.83 -9.68
C LYS A 163 -4.78 25.10 -9.51
N GLY A 164 -4.00 25.19 -8.44
CA GLY A 164 -3.07 26.30 -8.23
C GLY A 164 -3.48 27.37 -7.24
N LYS A 165 -4.54 27.12 -6.47
CA LYS A 165 -5.01 28.07 -5.46
C LYS A 165 -4.34 27.78 -4.11
N ALA A 166 -4.17 28.81 -3.30
CA ALA A 166 -3.38 28.72 -2.07
C ALA A 166 -4.06 27.86 -1.03
N LEU A 167 -3.25 27.03 -0.37
CA LEU A 167 -3.65 26.30 0.81
C LEU A 167 -2.74 26.77 1.93
N THR A 168 -3.32 27.50 2.88
CA THR A 168 -2.57 28.09 3.97
C THR A 168 -3.10 27.50 5.27
N TYR A 169 -2.22 26.85 6.03
CA TYR A 169 -2.63 26.27 7.30
C TYR A 169 -2.51 27.25 8.45
N ASP A 170 -3.40 27.09 9.43
CA ASP A 170 -3.37 27.85 10.67
C ASP A 170 -2.40 27.24 11.67
N LYS A 171 -2.31 25.91 11.65
CA LYS A 171 -1.32 25.21 12.46
C LYS A 171 -0.87 23.89 11.82
N ILE A 172 0.21 23.35 12.36
CA ILE A 172 0.83 22.14 11.83
C ILE A 172 1.29 21.24 12.97
N TYR A 173 1.02 19.96 12.82
CA TYR A 173 1.53 18.94 13.72
C TYR A 173 2.33 17.90 12.95
N TYR A 174 3.32 17.32 13.62
CA TYR A 174 4.12 16.22 13.08
C TYR A 174 3.89 14.96 13.94
N VAL A 175 3.26 13.95 13.36
CA VAL A 175 3.08 12.65 13.99
C VAL A 175 4.09 11.67 13.39
N GLY A 176 5.08 11.26 14.17
CA GLY A 176 5.98 10.19 13.75
C GLY A 176 5.47 8.88 14.30
N GLU A 177 5.31 7.87 13.45
CA GLU A 177 4.80 6.58 13.86
C GLU A 177 5.94 5.57 13.89
N GLN A 178 6.02 4.83 15.01
CA GLN A 178 7.13 3.94 15.28
C GLN A 178 6.66 2.52 15.50
N ASP A 179 7.19 1.59 14.71
CA ASP A 179 7.04 0.17 14.97
C ASP A 179 8.20 -0.28 15.88
N PHE A 180 7.85 -0.85 17.04
CA PHE A 180 8.84 -1.40 17.97
C PHE A 180 8.70 -2.92 18.01
N TYR A 181 9.83 -3.59 18.27
CA TYR A 181 9.95 -5.04 18.27
C TYR A 181 10.61 -5.44 19.58
N VAL A 182 9.81 -5.60 20.64
CA VAL A 182 10.38 -5.82 21.97
C VAL A 182 10.38 -7.31 22.33
N PRO A 183 11.55 -7.87 22.60
CA PRO A 183 11.62 -9.29 23.01
C PRO A 183 10.80 -9.62 24.26
N ARG A 184 10.27 -10.83 24.29
CA ARG A 184 9.53 -11.38 25.44
C ARG A 184 10.22 -12.65 25.91
N ASP A 185 10.12 -12.92 27.21
CA ASP A 185 10.60 -14.19 27.76
C ASP A 185 9.54 -15.26 27.55
N GLU A 186 9.81 -16.48 28.02
CA GLU A 186 8.89 -17.60 27.81
C GLU A 186 7.55 -17.46 28.52
N ASN A 187 7.48 -16.56 29.50
CA ASN A 187 6.23 -16.24 30.20
C ASN A 187 5.38 -15.14 29.53
N GLY A 188 5.84 -14.58 28.42
CA GLY A 188 5.12 -13.54 27.72
C GLY A 188 5.39 -12.13 28.21
N LYS A 189 6.35 -11.96 29.11
CA LYS A 189 6.67 -10.65 29.67
C LYS A 189 7.85 -10.03 28.92
N TYR A 190 7.75 -8.73 28.65
CA TYR A 190 8.79 -8.06 27.89
C TYR A 190 10.08 -8.00 28.70
N LYS A 191 11.20 -8.18 27.99
CA LYS A 191 12.51 -8.24 28.59
C LYS A 191 13.13 -6.85 28.69
N LYS A 192 13.97 -6.67 29.69
CA LYS A 192 14.77 -5.47 29.89
C LYS A 192 16.24 -5.85 29.83
N TYR A 193 17.06 -4.90 29.38
CA TYR A 193 18.49 -5.12 29.13
C TYR A 193 19.32 -3.96 29.71
N GLU A 194 20.52 -4.28 30.17
CA GLU A 194 21.40 -3.28 30.76
C GLU A 194 21.84 -2.24 29.73
N ALA A 195 22.32 -2.71 28.59
CA ALA A 195 22.87 -1.84 27.54
C ALA A 195 22.27 -2.19 26.17
N PRO A 196 22.29 -1.26 25.23
CA PRO A 196 21.62 -1.49 23.93
C PRO A 196 22.04 -2.78 23.23
N GLY A 197 23.34 -3.04 23.17
CA GLY A 197 23.87 -4.21 22.50
C GLY A 197 23.43 -5.54 23.05
N ASP A 198 23.13 -5.59 24.35
CA ASP A 198 22.63 -6.80 24.99
C ASP A 198 21.32 -7.30 24.35
N ALA A 199 20.53 -6.37 23.81
CA ALA A 199 19.24 -6.71 23.20
C ALA A 199 19.29 -7.09 21.73
N TYR A 200 20.45 -6.95 21.08
CA TYR A 200 20.55 -7.05 19.61
C TYR A 200 19.98 -8.36 19.06
N GLU A 201 20.51 -9.49 19.52
CA GLU A 201 20.10 -10.80 19.00
C GLU A 201 18.62 -11.08 19.19
N ASP A 202 18.12 -10.83 20.40
CA ASP A 202 16.72 -11.05 20.74
C ASP A 202 15.80 -10.18 19.91
N THR A 203 16.24 -8.95 19.65
CA THR A 203 15.44 -8.00 18.90
C THR A 203 15.35 -8.38 17.43
N VAL A 204 16.47 -8.78 16.84
CA VAL A 204 16.46 -9.17 15.42
C VAL A 204 15.53 -10.36 15.20
N LYS A 205 15.46 -11.28 16.16
CA LYS A 205 14.53 -12.39 16.02
C LYS A 205 13.09 -11.88 15.90
N VAL A 206 12.70 -10.94 16.78
CA VAL A 206 11.37 -10.32 16.69
C VAL A 206 11.16 -9.56 15.36
N MET A 207 12.18 -8.82 14.94
CA MET A 207 12.12 -8.09 13.66
C MET A 207 11.78 -9.01 12.50
N ARG A 208 12.38 -10.21 12.49
CA ARG A 208 12.18 -11.18 11.41
C ARG A 208 10.75 -11.75 11.31
N THR A 209 9.95 -11.60 12.36
CA THR A 209 8.53 -11.96 12.29
C THR A 209 7.74 -10.94 11.46
N LEU A 210 8.33 -9.77 11.22
CA LEU A 210 7.66 -8.64 10.56
C LEU A 210 6.38 -8.24 11.30
N THR A 211 6.37 -8.51 12.60
CA THR A 211 5.19 -8.26 13.41
C THR A 211 5.59 -7.43 14.62
N PRO A 212 5.34 -6.13 14.57
CA PRO A 212 5.68 -5.25 15.71
C PRO A 212 4.87 -5.60 16.94
N THR A 213 5.50 -5.54 18.10
CA THR A 213 4.81 -5.70 19.39
C THR A 213 4.04 -4.43 19.77
N HIS A 214 4.55 -3.29 19.31
CA HIS A 214 3.94 -1.98 19.57
C HIS A 214 4.01 -1.16 18.28
N VAL A 215 2.95 -0.42 17.98
CA VAL A 215 2.94 0.58 16.91
C VAL A 215 2.41 1.86 17.55
N VAL A 216 3.24 2.90 17.64
CA VAL A 216 2.93 4.07 18.47
C VAL A 216 3.22 5.39 17.77
N PHE A 217 2.57 6.45 18.24
CA PHE A 217 2.83 7.83 17.82
C PHE A 217 3.61 8.56 18.92
N ASN A 218 4.55 9.41 18.52
CA ASN A 218 5.35 10.20 19.48
C ASN A 218 5.97 9.34 20.59
N GLY A 219 6.39 8.13 20.24
CA GLY A 219 7.26 7.33 21.08
C GLY A 219 6.63 6.44 22.15
N ALA A 220 5.31 6.46 22.30
CA ALA A 220 4.65 5.67 23.34
C ALA A 220 3.14 5.53 23.10
N VAL A 221 2.57 4.45 23.64
CA VAL A 221 1.12 4.29 23.65
C VAL A 221 0.52 5.50 24.39
N GLY A 222 -0.47 6.15 23.79
CA GLY A 222 -1.18 7.24 24.42
C GLY A 222 -0.44 8.57 24.50
N ALA A 223 0.73 8.71 23.86
CA ALA A 223 1.49 9.96 23.93
C ALA A 223 0.71 11.16 23.42
N LEU A 224 -0.23 10.96 22.49
CA LEU A 224 -1.03 12.05 21.92
C LEU A 224 -2.50 11.95 22.27
N THR A 225 -2.80 11.46 23.46
CA THR A 225 -4.18 11.37 23.92
C THR A 225 -4.32 12.06 25.26
N GLY A 226 -5.55 12.13 25.75
CA GLY A 226 -5.85 12.76 27.02
C GLY A 226 -5.43 14.20 27.07
N ASP A 227 -4.62 14.55 28.07
CA ASP A 227 -4.14 15.91 28.24
C ASP A 227 -3.12 16.29 27.17
N LYS A 228 -2.61 15.28 26.45
CA LYS A 228 -1.68 15.51 25.34
C LYS A 228 -2.33 15.39 23.95
N ALA A 229 -3.66 15.42 23.89
CA ALA A 229 -4.33 15.55 22.60
C ALA A 229 -3.91 16.83 21.88
N MET A 230 -3.84 16.74 20.56
CA MET A 230 -3.65 17.89 19.69
C MET A 230 -4.95 18.69 19.66
N THR A 231 -4.88 19.97 19.33
CA THR A 231 -6.05 20.85 19.41
C THR A 231 -6.33 21.59 18.12
N ALA A 232 -7.59 21.97 17.96
CA ALA A 232 -8.01 22.82 16.87
C ALA A 232 -9.34 23.46 17.21
N ALA A 233 -9.83 24.32 16.32
CA ALA A 233 -11.14 24.91 16.46
C ALA A 233 -11.88 24.74 15.15
N VAL A 234 -13.20 24.75 15.20
CA VAL A 234 -14.00 24.78 13.98
C VAL A 234 -13.56 26.00 13.16
N GLY A 235 -13.35 25.78 11.87
CA GLY A 235 -12.88 26.80 10.94
C GLY A 235 -11.38 26.81 10.70
N GLU A 236 -10.63 26.13 11.57
CA GLU A 236 -9.17 26.13 11.50
C GLU A 236 -8.70 25.12 10.48
N LYS A 237 -7.65 25.50 9.75
CA LYS A 237 -7.03 24.69 8.73
C LYS A 237 -5.77 24.09 9.37
N VAL A 238 -5.68 22.76 9.35
CA VAL A 238 -4.59 22.04 10.01
C VAL A 238 -3.86 21.16 8.99
N LEU A 239 -2.53 21.18 9.05
CA LEU A 239 -1.72 20.24 8.30
C LEU A 239 -1.17 19.20 9.25
N ILE A 240 -1.33 17.94 8.89
CA ILE A 240 -0.80 16.81 9.67
C ILE A 240 0.25 16.10 8.84
N VAL A 241 1.52 16.25 9.24
CA VAL A 241 2.62 15.54 8.63
C VAL A 241 2.77 14.22 9.38
N HIS A 242 2.87 13.12 8.64
CA HIS A 242 2.92 11.79 9.21
C HIS A 242 4.08 11.05 8.55
N SER A 243 4.92 10.42 9.36
CA SER A 243 6.04 9.64 8.81
C SER A 243 6.10 8.24 9.41
N GLN A 244 6.70 7.34 8.64
CA GLN A 244 6.95 5.98 9.05
C GLN A 244 8.19 5.53 8.27
N ALA A 245 9.31 5.42 8.98
CA ALA A 245 10.63 5.14 8.38
C ALA A 245 10.88 3.68 7.97
N ASN A 246 10.09 2.74 8.47
CA ASN A 246 10.33 1.32 8.26
C ASN A 246 9.14 0.49 7.77
N ARG A 247 7.92 0.97 7.95
CA ARG A 247 6.76 0.13 7.77
C ARG A 247 5.53 0.95 7.33
N ASP A 248 4.67 0.33 6.52
CA ASP A 248 3.46 0.97 6.00
C ASP A 248 2.52 1.43 7.11
N THR A 249 1.81 2.50 6.84
CA THR A 249 0.70 2.93 7.68
C THR A 249 -0.43 3.50 6.82
N ARG A 250 -1.61 3.67 7.42
CA ARG A 250 -2.78 4.12 6.70
C ARG A 250 -3.59 5.11 7.57
N PRO A 251 -3.15 6.37 7.63
CA PRO A 251 -3.78 7.35 8.53
C PRO A 251 -5.23 7.67 8.20
N HIS A 252 -5.98 7.94 9.27
CA HIS A 252 -7.39 8.26 9.18
C HIS A 252 -7.80 9.15 10.36
N LEU A 253 -8.50 10.22 10.05
CA LEU A 253 -9.08 11.12 11.05
C LEU A 253 -10.53 10.73 11.29
N ILE A 254 -10.81 10.06 12.41
CA ILE A 254 -12.15 9.54 12.70
C ILE A 254 -13.09 10.68 13.04
N GLY A 255 -14.12 10.84 12.21
CA GLY A 255 -15.02 11.98 12.28
C GLY A 255 -14.67 13.08 11.29
N GLY A 256 -13.54 12.93 10.61
CA GLY A 256 -13.09 13.91 9.64
C GLY A 256 -12.69 13.26 8.32
N HIS A 257 -11.85 13.99 7.60
CA HIS A 257 -11.29 13.56 6.31
C HIS A 257 -9.92 14.17 6.11
N GLY A 258 -9.26 13.75 5.04
CA GLY A 258 -8.13 14.50 4.50
C GLY A 258 -8.64 15.27 3.31
N ASP A 259 -8.91 16.57 3.48
CA ASP A 259 -9.44 17.36 2.36
C ASP A 259 -8.51 17.33 1.16
N TYR A 260 -7.21 17.53 1.44
CA TYR A 260 -6.13 17.39 0.46
C TYR A 260 -5.04 16.56 1.10
N VAL A 261 -4.60 15.52 0.40
CA VAL A 261 -3.57 14.64 0.94
C VAL A 261 -2.51 14.41 -0.10
N TRP A 262 -1.30 14.87 0.20
CA TRP A 262 -0.12 14.51 -0.57
C TRP A 262 0.32 13.16 0.00
N ALA A 263 -0.29 12.08 -0.50
CA ALA A 263 -0.06 10.76 0.09
C ALA A 263 1.37 10.27 -0.12
N THR A 264 2.02 10.68 -1.21
CA THR A 264 3.43 10.38 -1.44
C THR A 264 4.36 11.36 -0.72
N GLY A 265 3.78 12.44 -0.21
CA GLY A 265 4.51 13.48 0.51
C GLY A 265 5.20 14.51 -0.35
N LYS A 266 5.04 14.44 -1.67
CA LYS A 266 5.79 15.29 -2.57
C LYS A 266 4.85 16.31 -3.22
N PHE A 267 5.20 17.59 -3.06
CA PHE A 267 4.28 18.68 -3.38
C PHE A 267 4.13 18.97 -4.88
N ASN A 268 5.04 18.46 -5.71
CA ASN A 268 4.88 18.56 -7.17
C ASN A 268 3.96 17.46 -7.74
N THR A 269 3.63 16.48 -6.90
CA THR A 269 2.60 15.50 -7.19
C THR A 269 1.28 16.01 -6.63
N PRO A 270 0.28 16.25 -7.48
CA PRO A 270 -0.98 16.85 -7.02
C PRO A 270 -1.63 16.02 -5.91
N PRO A 271 -2.18 16.68 -4.91
CA PRO A 271 -2.79 15.97 -3.77
C PRO A 271 -4.08 15.25 -4.18
N ASP A 272 -4.33 14.10 -3.58
CA ASP A 272 -5.63 13.44 -3.61
C ASP A 272 -6.61 14.29 -2.79
N VAL A 273 -7.90 14.12 -3.02
CA VAL A 273 -8.90 14.92 -2.31
C VAL A 273 -10.02 14.07 -1.69
N ASP A 274 -10.62 14.61 -0.63
CA ASP A 274 -11.78 14.03 0.03
C ASP A 274 -11.48 12.66 0.62
N GLN A 275 -10.26 12.47 1.10
CA GLN A 275 -9.78 11.16 1.52
C GLN A 275 -10.39 10.68 2.84
N GLU A 276 -10.71 9.39 2.91
CA GLU A 276 -11.17 8.78 4.13
C GLU A 276 -9.96 8.25 4.91
N THR A 277 -9.16 7.46 4.21
CA THR A 277 -7.97 6.83 4.77
C THR A 277 -6.91 6.85 3.68
N TRP A 278 -5.75 7.41 4.01
CA TRP A 278 -4.66 7.50 3.04
C TRP A 278 -3.57 6.49 3.40
N PHE A 279 -2.58 6.36 2.52
CA PHE A 279 -1.56 5.30 2.64
C PHE A 279 -0.17 5.89 2.45
N ILE A 280 0.68 5.66 3.44
CA ILE A 280 2.09 6.06 3.41
C ILE A 280 2.94 4.80 3.54
N PRO A 281 3.75 4.48 2.53
CA PRO A 281 4.58 3.28 2.58
C PRO A 281 5.73 3.43 3.57
N GLY A 282 6.20 2.33 4.15
CA GLY A 282 7.40 2.36 4.96
C GLY A 282 8.54 3.02 4.20
N GLY A 283 9.24 3.92 4.89
CA GLY A 283 10.30 4.74 4.29
C GLY A 283 9.85 6.07 3.70
N ALA A 284 8.67 6.56 4.10
CA ALA A 284 8.18 7.83 3.55
C ALA A 284 7.39 8.64 4.57
N ALA A 285 7.24 9.93 4.25
CA ALA A 285 6.31 10.82 4.93
C ALA A 285 5.18 11.22 3.96
N GLY A 286 4.03 11.53 4.53
CA GLY A 286 2.90 12.11 3.82
C GLY A 286 2.36 13.30 4.58
N ALA A 287 1.43 14.02 3.97
CA ALA A 287 0.86 15.20 4.61
C ALA A 287 -0.59 15.38 4.21
N ALA A 288 -1.43 15.68 5.20
CA ALA A 288 -2.86 15.85 5.01
C ALA A 288 -3.29 17.22 5.55
N PHE A 289 -4.14 17.90 4.78
CA PHE A 289 -4.68 19.22 5.10
C PHE A 289 -6.18 19.04 5.33
N TYR A 290 -6.67 19.46 6.49
CA TYR A 290 -8.09 19.39 6.80
C TYR A 290 -8.57 20.71 7.43
N THR A 291 -9.77 21.14 7.04
CA THR A 291 -10.44 22.24 7.73
C THR A 291 -11.53 21.67 8.62
N PHE A 292 -11.41 21.86 9.93
CA PHE A 292 -12.35 21.28 10.88
C PHE A 292 -13.73 21.95 10.75
N GLN A 293 -14.77 21.12 10.75
CA GLN A 293 -16.16 21.57 10.57
C GLN A 293 -17.02 21.33 11.80
N GLN A 294 -16.60 20.36 12.64
CA GLN A 294 -17.34 19.96 13.84
C GLN A 294 -16.46 19.98 15.09
N PRO A 295 -17.02 20.37 16.23
CA PRO A 295 -16.30 20.27 17.50
C PRO A 295 -16.37 18.86 18.09
N GLY A 296 -15.59 18.64 19.14
CA GLY A 296 -15.61 17.41 19.88
C GLY A 296 -14.27 16.70 19.82
N ILE A 297 -14.26 15.48 20.32
CA ILE A 297 -13.07 14.65 20.28
C ILE A 297 -13.03 13.88 18.95
N TYR A 298 -11.85 13.87 18.32
CA TYR A 298 -11.57 13.02 17.16
C TYR A 298 -10.46 12.07 17.57
N ALA A 299 -10.45 10.89 16.98
CA ALA A 299 -9.31 10.00 17.08
C ALA A 299 -8.64 9.99 15.73
N TYR A 300 -7.31 10.09 15.70
CA TYR A 300 -6.49 9.99 14.50
C TYR A 300 -5.69 8.70 14.63
N VAL A 301 -5.86 7.79 13.67
CA VAL A 301 -5.33 6.43 13.79
C VAL A 301 -4.68 5.89 12.52
N ASN A 302 -3.85 4.87 12.71
CA ASN A 302 -3.50 3.89 11.68
C ASN A 302 -4.72 2.99 11.56
N HIS A 303 -5.38 2.96 10.40
CA HIS A 303 -6.66 2.25 10.26
C HIS A 303 -6.55 0.75 9.96
N ASN A 304 -5.42 0.13 10.29
CA ASN A 304 -5.49 -1.25 10.73
C ASN A 304 -5.85 -1.11 12.21
N LEU A 305 -7.10 -1.37 12.53
CA LEU A 305 -7.64 -1.02 13.84
C LEU A 305 -7.04 -1.87 14.95
N ILE A 306 -6.49 -3.03 14.59
CA ILE A 306 -5.69 -3.79 15.53
C ILE A 306 -4.44 -3.00 15.89
N GLU A 307 -3.74 -2.46 14.88
CA GLU A 307 -2.57 -1.65 15.14
C GLU A 307 -2.94 -0.40 15.96
N ALA A 308 -4.08 0.22 15.66
CA ALA A 308 -4.51 1.43 16.33
C ALA A 308 -4.87 1.21 17.80
N PHE A 309 -5.73 0.23 18.05
CA PHE A 309 -6.36 0.09 19.37
C PHE A 309 -5.82 -1.04 20.23
N GLU A 310 -5.11 -2.00 19.64
CA GLU A 310 -4.42 -3.03 20.43
C GLU A 310 -2.91 -2.75 20.58
N LEU A 311 -2.29 -2.19 19.54
CA LEU A 311 -0.83 -2.03 19.50
C LEU A 311 -0.36 -0.59 19.79
N GLY A 312 -1.27 0.39 19.76
CA GLY A 312 -0.98 1.73 20.25
C GLY A 312 -1.04 2.91 19.29
N ALA A 313 -1.44 2.69 18.03
CA ALA A 313 -1.38 3.72 17.00
C ALA A 313 -2.66 4.57 16.93
N ALA A 314 -2.91 5.33 18.00
CA ALA A 314 -4.09 6.17 18.10
C ALA A 314 -3.76 7.47 18.82
N ALA A 315 -4.17 8.59 18.25
CA ALA A 315 -4.01 9.90 18.85
C ALA A 315 -5.39 10.56 18.91
N HIS A 316 -5.48 11.69 19.62
CA HIS A 316 -6.72 12.46 19.73
C HIS A 316 -6.52 13.91 19.28
N PHE A 317 -7.58 14.50 18.72
CA PHE A 317 -7.72 15.94 18.60
C PHE A 317 -8.90 16.37 19.48
N LYS A 318 -8.73 17.42 20.28
CA LYS A 318 -9.85 18.06 20.97
C LYS A 318 -10.15 19.38 20.23
N VAL A 319 -11.39 19.51 19.72
CA VAL A 319 -11.76 20.61 18.83
C VAL A 319 -12.90 21.43 19.45
N THR A 320 -12.69 22.73 19.56
CA THR A 320 -13.70 23.64 20.15
C THR A 320 -14.59 24.20 19.05
N GLY A 321 -15.74 24.70 19.46
CA GLY A 321 -16.61 25.47 18.56
C GLY A 321 -18.05 24.99 18.58
N GLU A 322 -18.81 25.46 17.60
CA GLU A 322 -20.26 25.26 17.52
C GLU A 322 -20.61 24.07 16.62
N TRP A 323 -21.51 23.21 17.09
CA TRP A 323 -21.94 22.03 16.34
C TRP A 323 -22.81 22.42 15.14
N ASN A 324 -22.68 21.65 14.06
CA ASN A 324 -23.34 21.94 12.77
C ASN A 324 -24.34 20.81 12.51
N ASP A 325 -25.63 21.11 12.71
CA ASP A 325 -26.70 20.11 12.59
C ASP A 325 -27.08 19.78 11.15
N ASP A 326 -26.72 20.67 10.23
CA ASP A 326 -26.80 20.40 8.78
C ASP A 326 -25.87 19.23 8.39
N LEU A 327 -24.61 19.30 8.80
CA LEU A 327 -23.64 18.23 8.50
C LEU A 327 -24.00 16.90 9.17
N MET A 328 -24.46 16.97 10.42
CA MET A 328 -24.84 15.76 11.18
C MET A 328 -25.78 16.11 12.34
N THR A 329 -26.78 15.26 12.55
CA THR A 329 -27.64 15.38 13.72
C THR A 329 -28.27 14.05 14.10
N SER A 330 -28.47 13.87 15.40
CA SER A 330 -29.18 12.73 15.94
C SER A 330 -30.67 13.06 15.90
N VAL A 331 -31.37 12.48 14.93
CA VAL A 331 -32.81 12.68 14.79
C VAL A 331 -33.54 12.00 15.94
N LEU A 332 -33.10 10.80 16.29
CA LEU A 332 -33.62 10.05 17.42
C LEU A 332 -32.45 9.44 18.18
N ALA A 333 -32.29 9.85 19.44
CA ALA A 333 -31.19 9.38 20.26
C ALA A 333 -31.48 7.95 20.69
N PRO A 334 -30.43 7.16 20.94
CA PRO A 334 -30.58 5.80 21.46
C PRO A 334 -31.69 5.68 22.52
N SER A 335 -32.66 4.83 22.24
CA SER A 335 -33.85 4.70 23.08
C SER A 335 -34.52 3.34 22.91
N GLY A 336 -35.15 2.85 23.99
CA GLY A 336 -35.80 1.56 23.97
C GLY A 336 -36.98 1.50 23.01
N ALA B 1 -8.59 -6.32 -35.97
CA ALA B 1 -8.10 -6.87 -37.27
C ALA B 1 -8.60 -8.30 -37.49
N THR B 2 -8.54 -8.76 -38.73
CA THR B 2 -8.92 -10.13 -39.11
C THR B 2 -7.70 -11.02 -39.03
N ALA B 3 -7.92 -12.33 -39.06
CA ALA B 3 -6.84 -13.31 -39.10
C ALA B 3 -5.90 -13.06 -40.27
N ALA B 4 -6.47 -12.76 -41.44
CA ALA B 4 -5.68 -12.47 -42.63
C ALA B 4 -4.77 -11.26 -42.46
N GLU B 5 -5.32 -10.18 -41.91
CA GLU B 5 -4.56 -8.95 -41.66
C GLU B 5 -3.36 -9.20 -40.74
N ILE B 6 -3.57 -10.00 -39.70
CA ILE B 6 -2.52 -10.31 -38.73
C ILE B 6 -1.43 -11.20 -39.33
N ALA B 7 -1.81 -12.11 -40.23
CA ALA B 7 -0.84 -13.00 -40.89
C ALA B 7 0.10 -12.21 -41.81
N ALA B 8 -0.40 -11.10 -42.33
CA ALA B 8 0.37 -10.24 -43.23
C ALA B 8 1.35 -9.33 -42.47
N LEU B 9 1.12 -9.14 -41.16
CA LEU B 9 2.01 -8.32 -40.35
C LEU B 9 3.41 -8.93 -40.30
N PRO B 10 4.43 -8.08 -40.20
CA PRO B 10 5.81 -8.55 -40.09
C PRO B 10 6.06 -9.21 -38.74
N ARG B 11 6.91 -10.24 -38.73
CA ARG B 11 7.32 -10.94 -37.52
C ARG B 11 8.72 -10.47 -37.16
N GLN B 12 9.02 -10.45 -35.87
CA GLN B 12 10.39 -10.34 -35.41
C GLN B 12 10.65 -11.28 -34.23
N LYS B 13 11.67 -12.12 -34.36
CA LYS B 13 12.06 -13.03 -33.29
C LYS B 13 13.03 -12.30 -32.38
N VAL B 14 12.77 -12.35 -31.07
CA VAL B 14 13.61 -11.68 -30.09
C VAL B 14 14.33 -12.71 -29.25
N GLU B 15 15.63 -12.52 -29.08
CA GLU B 15 16.43 -13.33 -28.14
C GLU B 15 16.39 -12.67 -26.78
N LEU B 16 15.89 -13.40 -25.79
CA LEU B 16 15.78 -12.89 -24.44
C LEU B 16 17.16 -12.86 -23.77
N VAL B 17 17.32 -11.97 -22.80
CA VAL B 17 18.52 -11.93 -21.98
C VAL B 17 18.11 -12.02 -20.51
N ASP B 18 19.05 -12.44 -19.68
CA ASP B 18 18.77 -12.71 -18.27
C ASP B 18 18.66 -11.42 -17.47
N PRO B 19 17.71 -11.35 -16.54
CA PRO B 19 17.63 -10.20 -15.64
C PRO B 19 18.92 -10.02 -14.84
N PRO B 20 19.29 -8.80 -14.47
CA PRO B 20 18.47 -7.58 -14.58
C PRO B 20 18.58 -6.84 -15.92
N PHE B 21 19.23 -7.45 -16.91
CA PHE B 21 19.37 -6.84 -18.23
C PHE B 21 18.10 -7.07 -19.02
N VAL B 22 17.96 -6.27 -20.08
CA VAL B 22 16.78 -6.30 -20.92
C VAL B 22 17.24 -6.41 -22.38
N HIS B 23 16.54 -7.23 -23.16
CA HIS B 23 16.90 -7.45 -24.57
C HIS B 23 16.81 -6.13 -25.36
N ALA B 24 17.57 -6.06 -26.45
CA ALA B 24 17.61 -4.88 -27.28
C ALA B 24 16.22 -4.53 -27.79
N HIS B 25 15.88 -3.25 -27.71
CA HIS B 25 14.61 -2.75 -28.21
C HIS B 25 14.77 -1.27 -28.56
N SER B 26 13.74 -0.71 -29.17
CA SER B 26 13.70 0.73 -29.43
C SER B 26 12.61 1.33 -28.57
N GLN B 27 12.88 2.49 -28.00
CA GLN B 27 11.88 3.14 -27.16
C GLN B 27 10.70 3.61 -28.04
N VAL B 28 10.99 4.34 -29.11
CA VAL B 28 9.97 4.71 -30.08
C VAL B 28 9.88 3.55 -31.07
N ALA B 29 8.66 3.10 -31.36
CA ALA B 29 8.45 1.92 -32.20
C ALA B 29 8.94 2.16 -33.62
N GLU B 30 9.56 1.10 -34.17
CA GLU B 30 10.02 1.06 -35.55
C GLU B 30 8.88 0.54 -36.42
N GLY B 31 8.26 1.42 -37.20
CA GLY B 31 7.21 1.05 -38.13
C GLY B 31 5.86 0.79 -37.46
N GLY B 32 5.03 -0.03 -38.13
CA GLY B 32 3.70 -0.36 -37.65
C GLY B 32 3.69 -1.62 -36.78
N PRO B 33 2.50 -2.05 -36.38
CA PRO B 33 2.33 -3.25 -35.55
C PRO B 33 3.09 -4.48 -36.05
N LYS B 34 3.75 -5.20 -35.15
CA LYS B 34 4.46 -6.46 -35.46
C LYS B 34 3.92 -7.60 -34.59
N VAL B 35 4.13 -8.83 -35.02
CA VAL B 35 3.98 -10.00 -34.16
C VAL B 35 5.38 -10.34 -33.62
N VAL B 36 5.60 -10.05 -32.34
CA VAL B 36 6.90 -10.20 -31.71
C VAL B 36 6.96 -11.56 -31.03
N GLU B 37 7.95 -12.36 -31.43
CA GLU B 37 8.02 -13.77 -31.09
C GLU B 37 9.07 -14.04 -30.01
N PHE B 38 8.64 -14.69 -28.93
CA PHE B 38 9.50 -15.10 -27.85
C PHE B 38 9.37 -16.61 -27.62
N THR B 39 10.45 -17.24 -27.19
CA THR B 39 10.44 -18.63 -26.77
C THR B 39 11.05 -18.73 -25.38
N MET B 40 10.39 -19.50 -24.52
CA MET B 40 10.86 -19.72 -23.16
C MET B 40 10.63 -21.18 -22.80
N VAL B 41 11.70 -21.83 -22.36
CA VAL B 41 11.64 -23.16 -21.79
C VAL B 41 11.57 -23.00 -20.27
N ILE B 42 10.60 -23.68 -19.64
CA ILE B 42 10.50 -23.71 -18.19
C ILE B 42 11.45 -24.74 -17.59
N GLU B 43 12.24 -24.33 -16.60
CA GLU B 43 13.12 -25.27 -15.92
C GLU B 43 12.77 -25.33 -14.44
N GLU B 44 12.34 -26.51 -13.99
CA GLU B 44 12.34 -26.84 -12.57
C GLU B 44 13.77 -27.14 -12.20
N LYS B 45 14.33 -26.35 -11.29
CA LYS B 45 15.74 -26.46 -10.93
C LYS B 45 15.98 -26.05 -9.48
N LYS B 46 16.96 -26.67 -8.83
CA LYS B 46 17.41 -26.22 -7.51
C LYS B 46 18.21 -24.92 -7.65
N ILE B 47 17.84 -23.89 -6.89
CA ILE B 47 18.65 -22.68 -6.77
C ILE B 47 19.04 -22.42 -5.32
N VAL B 48 20.16 -21.74 -5.11
CA VAL B 48 20.63 -21.40 -3.78
C VAL B 48 20.36 -19.90 -3.60
N ILE B 49 19.65 -19.56 -2.52
CA ILE B 49 19.12 -18.21 -2.35
C ILE B 49 19.83 -17.36 -1.29
N ASP B 50 20.77 -17.94 -0.55
CA ASP B 50 21.55 -17.18 0.44
C ASP B 50 22.98 -17.77 0.64
N ASP B 51 23.78 -17.16 1.52
CA ASP B 51 25.22 -17.48 1.62
C ASP B 51 25.48 -18.74 2.45
N ALA B 52 24.48 -19.13 3.25
CA ALA B 52 24.52 -20.37 4.01
C ALA B 52 24.34 -21.61 3.13
N GLY B 53 23.68 -21.42 1.97
CA GLY B 53 23.40 -22.53 1.07
C GLY B 53 21.95 -22.98 1.05
N THR B 54 21.03 -22.14 1.53
CA THR B 54 19.62 -22.47 1.49
C THR B 54 19.19 -22.67 0.03
N GLU B 55 18.41 -23.73 -0.22
CA GLU B 55 17.96 -24.03 -1.58
C GLU B 55 16.44 -24.14 -1.70
N VAL B 56 15.97 -23.79 -2.90
CA VAL B 56 14.58 -23.84 -3.29
C VAL B 56 14.49 -24.56 -4.63
N HIS B 57 13.50 -25.44 -4.77
CA HIS B 57 13.12 -25.98 -6.08
C HIS B 57 12.28 -24.93 -6.79
N ALA B 58 12.92 -24.18 -7.67
CA ALA B 58 12.27 -23.07 -8.36
C ALA B 58 11.59 -23.54 -9.63
N MET B 59 10.56 -22.81 -10.03
CA MET B 59 10.06 -22.86 -11.39
C MET B 59 10.63 -21.64 -12.12
N ALA B 60 11.55 -21.89 -13.04
CA ALA B 60 12.30 -20.81 -13.67
C ALA B 60 12.00 -20.70 -15.16
N PHE B 61 11.13 -19.76 -15.51
CA PHE B 61 10.92 -19.33 -16.89
C PHE B 61 12.26 -18.94 -17.52
N ASN B 62 12.62 -19.57 -18.63
CA ASN B 62 13.90 -19.30 -19.30
C ASN B 62 15.14 -19.61 -18.42
N GLY B 63 14.95 -20.39 -17.36
CA GLY B 63 16.03 -20.73 -16.45
C GLY B 63 16.42 -19.73 -15.37
N THR B 64 15.68 -18.63 -15.26
CA THR B 64 15.98 -17.62 -14.24
C THR B 64 14.80 -17.28 -13.35
N VAL B 65 15.13 -16.73 -12.19
CA VAL B 65 14.17 -16.14 -11.27
C VAL B 65 14.68 -14.70 -11.03
N PRO B 66 13.94 -13.68 -11.45
CA PRO B 66 12.66 -13.82 -12.16
C PRO B 66 12.87 -14.27 -13.60
N GLY B 67 11.77 -14.61 -14.27
CA GLY B 67 11.79 -14.78 -15.71
C GLY B 67 12.17 -13.46 -16.37
N PRO B 68 12.61 -13.54 -17.62
CA PRO B 68 13.12 -12.36 -18.33
C PRO B 68 12.02 -11.35 -18.70
N LEU B 69 12.42 -10.09 -18.88
CA LEU B 69 11.54 -9.03 -19.33
C LEU B 69 11.36 -9.12 -20.84
N MET B 70 10.12 -9.23 -21.28
CA MET B 70 9.78 -9.16 -22.69
C MET B 70 9.31 -7.74 -22.97
N VAL B 71 9.76 -7.14 -24.08
CA VAL B 71 9.46 -5.77 -24.43
C VAL B 71 8.82 -5.73 -25.82
N VAL B 72 7.63 -5.13 -25.87
CA VAL B 72 6.91 -4.88 -27.13
C VAL B 72 6.37 -3.45 -27.08
N HIS B 73 5.68 -3.02 -28.13
CA HIS B 73 4.97 -1.76 -28.14
C HIS B 73 3.44 -1.96 -28.20
N GLN B 74 2.70 -0.93 -27.77
CA GLN B 74 1.25 -0.96 -27.74
C GLN B 74 0.72 -1.35 -29.12
N ASP B 75 -0.20 -2.31 -29.15
CA ASP B 75 -0.85 -2.79 -30.38
C ASP B 75 0.02 -3.72 -31.25
N ASP B 76 1.23 -4.04 -30.78
CA ASP B 76 1.94 -5.23 -31.24
C ASP B 76 1.20 -6.43 -30.69
N TYR B 77 1.47 -7.60 -31.27
CA TYR B 77 1.02 -8.88 -30.74
C TYR B 77 2.23 -9.55 -30.13
N LEU B 78 2.06 -10.14 -28.94
CA LEU B 78 3.08 -10.96 -28.31
C LEU B 78 2.73 -12.43 -28.56
N GLU B 79 3.61 -13.14 -29.26
CA GLU B 79 3.43 -14.56 -29.55
C GLU B 79 4.52 -15.36 -28.82
N LEU B 80 4.12 -16.03 -27.73
CA LEU B 80 5.01 -16.82 -26.90
C LEU B 80 4.90 -18.30 -27.19
N THR B 81 6.03 -18.91 -27.50
CA THR B 81 6.15 -20.36 -27.49
C THR B 81 6.65 -20.75 -26.11
N LEU B 82 5.84 -21.47 -25.36
CA LEU B 82 6.20 -21.90 -24.01
C LEU B 82 6.38 -23.42 -24.01
N ILE B 83 7.52 -23.87 -23.49
CA ILE B 83 7.91 -25.27 -23.52
C ILE B 83 8.10 -25.83 -22.11
N ASN B 84 7.43 -26.94 -21.83
CA ASN B 84 7.61 -27.69 -20.58
C ASN B 84 8.33 -29.00 -20.90
N PRO B 85 9.64 -29.06 -20.69
CA PRO B 85 10.40 -30.25 -21.06
C PRO B 85 10.06 -31.47 -20.20
N GLU B 86 10.29 -32.66 -20.75
CA GLU B 86 9.87 -33.91 -20.12
C GLU B 86 10.69 -34.27 -18.87
N THR B 87 11.79 -33.56 -18.65
CA THR B 87 12.58 -33.68 -17.41
C THR B 87 11.89 -33.05 -16.19
N ASN B 88 10.99 -32.10 -16.42
CA ASN B 88 10.16 -31.53 -15.36
C ASN B 88 9.13 -32.54 -14.84
N THR B 89 8.59 -32.26 -13.65
CA THR B 89 7.63 -33.14 -12.96
C THR B 89 6.21 -32.59 -12.91
N LEU B 90 6.03 -31.27 -13.08
CA LEU B 90 4.72 -30.64 -12.91
C LEU B 90 4.21 -29.98 -14.19
N MET B 91 2.88 -29.87 -14.28
CA MET B 91 2.23 -29.02 -15.27
C MET B 91 2.51 -27.56 -14.93
N HIS B 92 2.72 -26.74 -15.96
CA HIS B 92 2.85 -25.29 -15.79
C HIS B 92 2.04 -24.55 -16.86
N ASN B 93 1.84 -23.25 -16.64
CA ASN B 93 1.22 -22.39 -17.64
C ASN B 93 1.69 -20.94 -17.44
N ILE B 94 0.98 -19.99 -18.02
CA ILE B 94 1.35 -18.58 -17.88
C ILE B 94 0.13 -17.66 -17.96
N ASP B 95 0.09 -16.71 -17.04
CA ASP B 95 -0.90 -15.65 -16.94
C ASP B 95 -0.18 -14.33 -17.21
N PHE B 96 -0.48 -13.69 -18.34
CA PHE B 96 0.00 -12.34 -18.64
C PHE B 96 -1.01 -11.32 -18.14
N HIS B 97 -0.67 -10.56 -17.10
CA HIS B 97 -1.50 -9.43 -16.69
C HIS B 97 -1.71 -8.37 -17.81
N ALA B 98 -0.83 -8.37 -18.81
CA ALA B 98 -1.00 -7.47 -19.98
C ALA B 98 -2.09 -7.94 -20.96
N ALA B 99 -2.49 -9.20 -20.86
CA ALA B 99 -3.37 -9.83 -21.85
C ALA B 99 -4.83 -9.77 -21.43
N THR B 100 -5.71 -9.99 -22.39
CA THR B 100 -7.15 -9.98 -22.16
C THR B 100 -7.77 -11.29 -22.62
N GLY B 101 -8.26 -12.07 -21.65
CA GLY B 101 -9.03 -13.27 -21.90
C GLY B 101 -8.38 -14.48 -21.27
N ALA B 102 -9.19 -15.53 -21.05
CA ALA B 102 -8.71 -16.84 -20.63
C ALA B 102 -7.71 -16.79 -19.48
N LEU B 103 -8.08 -16.03 -18.45
CA LEU B 103 -7.27 -15.93 -17.24
C LEU B 103 -5.84 -15.45 -17.54
N GLY B 104 -5.75 -14.47 -18.45
CA GLY B 104 -4.48 -13.92 -18.89
C GLY B 104 -3.69 -14.83 -19.82
N GLY B 105 -4.34 -15.84 -20.38
CA GLY B 105 -3.67 -16.88 -21.14
C GLY B 105 -3.49 -18.18 -20.38
N GLY B 106 -3.72 -18.16 -19.07
CA GLY B 106 -3.54 -19.33 -18.23
C GLY B 106 -4.40 -20.53 -18.62
N GLY B 107 -5.64 -20.27 -18.99
CA GLY B 107 -6.56 -21.31 -19.40
C GLY B 107 -6.22 -21.96 -20.73
N LEU B 108 -5.34 -21.33 -21.50
CA LEU B 108 -4.97 -21.81 -22.84
C LEU B 108 -3.53 -22.35 -22.95
N THR B 109 -2.78 -22.34 -21.85
CA THR B 109 -1.36 -22.67 -21.86
C THR B 109 -0.96 -23.74 -20.83
N GLU B 110 -1.92 -24.53 -20.37
CA GLU B 110 -1.63 -25.64 -19.45
C GLU B 110 -0.92 -26.77 -20.21
N ILE B 111 0.39 -26.87 -19.99
CA ILE B 111 1.25 -27.86 -20.63
C ILE B 111 1.88 -28.81 -19.59
N ASN B 112 1.66 -30.11 -19.78
CA ASN B 112 2.31 -31.13 -18.96
C ASN B 112 3.76 -31.29 -19.42
N PRO B 113 4.62 -31.91 -18.61
CA PRO B 113 5.98 -32.23 -19.07
C PRO B 113 5.94 -32.97 -20.42
N GLY B 114 6.80 -32.58 -21.34
CA GLY B 114 6.79 -33.09 -22.70
C GLY B 114 5.93 -32.32 -23.70
N GLU B 115 5.27 -31.24 -23.26
CA GLU B 115 4.37 -30.46 -24.12
C GLU B 115 4.84 -29.03 -24.31
N LYS B 116 4.35 -28.42 -25.38
CA LYS B 116 4.57 -27.01 -25.66
C LYS B 116 3.26 -26.37 -26.17
N THR B 117 3.27 -25.05 -26.26
CA THR B 117 2.10 -24.29 -26.68
C THR B 117 2.53 -22.91 -27.20
N ILE B 118 1.72 -22.34 -28.09
CA ILE B 118 1.93 -20.99 -28.60
C ILE B 118 0.68 -20.17 -28.34
N LEU B 119 0.85 -19.11 -27.56
CA LEU B 119 -0.19 -18.16 -27.27
C LEU B 119 0.16 -16.82 -27.90
N ARG B 120 -0.79 -16.21 -28.58
CA ARG B 120 -0.66 -14.87 -29.12
C ARG B 120 -1.72 -13.98 -28.47
N PHE B 121 -1.33 -12.78 -28.05
CA PHE B 121 -2.29 -11.79 -27.57
C PHE B 121 -1.90 -10.39 -28.00
N LYS B 122 -2.90 -9.54 -28.19
CA LYS B 122 -2.68 -8.15 -28.57
C LYS B 122 -2.38 -7.33 -27.31
N ALA B 123 -1.24 -6.65 -27.31
CA ALA B 123 -0.82 -5.82 -26.15
C ALA B 123 -1.50 -4.44 -26.21
N THR B 124 -2.76 -4.41 -25.82
CA THR B 124 -3.61 -3.24 -26.05
C THR B 124 -3.35 -2.07 -25.08
N LYS B 125 -2.71 -2.35 -23.95
CA LYS B 125 -2.54 -1.35 -22.88
C LYS B 125 -1.05 -1.11 -22.58
N PRO B 126 -0.60 0.15 -22.54
CA PRO B 126 0.81 0.45 -22.32
C PRO B 126 1.17 0.44 -20.83
N GLY B 127 2.29 -0.18 -20.49
CA GLY B 127 2.77 -0.21 -19.11
C GLY B 127 3.70 -1.36 -18.87
N VAL B 128 4.19 -1.49 -17.64
CA VAL B 128 4.84 -2.72 -17.24
C VAL B 128 3.82 -3.61 -16.50
N PHE B 129 3.90 -4.93 -16.71
CA PHE B 129 2.92 -5.90 -16.20
C PHE B 129 3.60 -7.19 -15.75
N VAL B 130 3.12 -7.75 -14.64
CA VAL B 130 3.55 -9.06 -14.19
C VAL B 130 3.08 -10.16 -15.16
N TYR B 131 3.88 -11.21 -15.28
CA TYR B 131 3.39 -12.51 -15.73
C TYR B 131 3.80 -13.56 -14.72
N HIS B 132 3.00 -14.61 -14.58
CA HIS B 132 3.34 -15.68 -13.63
C HIS B 132 2.62 -16.97 -13.98
N CYS B 133 3.15 -18.06 -13.44
CA CYS B 133 2.53 -19.36 -13.54
C CYS B 133 1.27 -19.38 -12.68
N ALA B 134 0.27 -20.16 -13.10
CA ALA B 134 -0.98 -20.26 -12.34
C ALA B 134 -1.77 -21.55 -12.62
N PRO B 135 -1.25 -22.70 -12.19
CA PRO B 135 -1.97 -23.96 -12.39
C PRO B 135 -3.13 -24.04 -11.38
N PRO B 136 -4.37 -24.24 -11.83
CA PRO B 136 -5.50 -24.36 -10.91
C PRO B 136 -5.21 -25.24 -9.71
N GLY B 137 -5.51 -24.76 -8.51
CA GLY B 137 -5.31 -25.48 -7.26
C GLY B 137 -3.92 -25.36 -6.65
N MET B 138 -2.97 -24.83 -7.42
CA MET B 138 -1.57 -24.78 -7.02
C MET B 138 -0.93 -23.42 -7.35
N VAL B 139 -1.73 -22.37 -7.44
CA VAL B 139 -1.30 -21.07 -7.94
C VAL B 139 -0.19 -20.38 -7.12
N PRO B 140 -0.43 -20.04 -5.85
CA PRO B 140 0.61 -19.37 -5.05
C PRO B 140 1.92 -20.17 -4.96
N TRP B 141 1.86 -21.50 -4.85
CA TRP B 141 3.05 -22.31 -4.71
C TRP B 141 4.01 -22.14 -5.89
N HIS B 142 3.47 -22.09 -7.10
CA HIS B 142 4.30 -21.94 -8.29
C HIS B 142 4.90 -20.54 -8.34
N VAL B 143 4.11 -19.54 -7.97
CA VAL B 143 4.54 -18.14 -8.02
C VAL B 143 5.64 -17.84 -6.98
N VAL B 144 5.44 -18.29 -5.74
CA VAL B 144 6.44 -18.08 -4.69
C VAL B 144 7.61 -19.07 -4.77
N SER B 145 7.55 -19.99 -5.73
CA SER B 145 8.70 -20.80 -6.12
C SER B 145 9.47 -20.13 -7.28
N GLY B 146 9.16 -18.87 -7.58
CA GLY B 146 9.89 -18.10 -8.59
C GLY B 146 9.32 -18.08 -10.00
N GLY B 147 8.14 -18.66 -10.17
CA GLY B 147 7.49 -18.74 -11.49
C GLY B 147 6.79 -17.43 -11.86
N ASN B 148 7.59 -16.38 -12.06
CA ASN B 148 7.07 -15.07 -12.43
C ASN B 148 8.14 -14.15 -13.00
N GLY B 149 7.69 -13.18 -13.79
CA GLY B 149 8.53 -12.15 -14.34
C GLY B 149 7.66 -10.97 -14.70
N ALA B 150 8.04 -10.26 -15.76
CA ALA B 150 7.26 -9.10 -16.22
C ALA B 150 7.45 -8.83 -17.71
N ILE B 151 6.53 -8.06 -18.31
CA ILE B 151 6.76 -7.52 -19.65
C ILE B 151 6.62 -6.00 -19.62
N MET B 152 7.14 -5.34 -20.65
CA MET B 152 6.95 -3.92 -20.83
C MET B 152 6.34 -3.68 -22.20
N VAL B 153 5.17 -3.05 -22.19
CA VAL B 153 4.47 -2.59 -23.38
C VAL B 153 4.69 -1.07 -23.48
N LEU B 154 5.65 -0.64 -24.30
CA LEU B 154 5.97 0.77 -24.42
C LEU B 154 4.93 1.47 -25.27
N PRO B 155 4.64 2.74 -25.02
CA PRO B 155 3.79 3.48 -25.97
C PRO B 155 4.50 3.55 -27.32
N ARG B 156 3.77 3.56 -28.43
CA ARG B 156 4.41 3.61 -29.76
C ARG B 156 5.35 4.82 -29.89
N GLU B 157 5.07 5.88 -29.13
CA GLU B 157 5.83 7.12 -29.18
C GLU B 157 6.89 7.21 -28.06
N GLY B 158 7.19 6.07 -27.43
CA GLY B 158 8.11 6.05 -26.29
C GLY B 158 7.47 6.64 -25.04
N LEU B 159 8.28 6.80 -23.99
CA LEU B 159 7.79 7.38 -22.74
C LEU B 159 7.74 8.91 -22.77
N HIS B 160 6.75 9.45 -22.07
CA HIS B 160 6.61 10.89 -21.80
C HIS B 160 6.27 11.08 -20.33
N ASP B 161 6.45 12.30 -19.81
CA ASP B 161 6.03 12.59 -18.44
C ASP B 161 4.52 12.89 -18.47
N GLY B 162 3.96 13.37 -17.36
CA GLY B 162 2.52 13.61 -17.31
C GLY B 162 2.02 14.74 -18.22
N LYS B 163 2.94 15.52 -18.77
CA LYS B 163 2.61 16.77 -19.46
C LYS B 163 3.26 16.91 -20.85
N GLY B 164 3.59 15.78 -21.47
CA GLY B 164 4.01 15.76 -22.86
C GLY B 164 5.49 15.87 -23.18
N LYS B 165 6.36 15.98 -22.17
CA LYS B 165 7.80 16.00 -22.43
C LYS B 165 8.34 14.59 -22.54
N ALA B 166 9.18 14.36 -23.54
CA ALA B 166 9.75 13.05 -23.77
C ALA B 166 10.67 12.68 -22.63
N LEU B 167 10.60 11.41 -22.24
CA LEU B 167 11.50 10.82 -21.28
C LEU B 167 12.19 9.65 -21.97
N THR B 168 13.48 9.82 -22.23
CA THR B 168 14.27 8.85 -22.95
C THR B 168 15.36 8.34 -22.05
N TYR B 169 15.32 7.06 -21.70
CA TYR B 169 16.35 6.48 -20.84
C TYR B 169 17.60 6.10 -21.62
N ASP B 170 18.76 6.24 -20.97
CA ASP B 170 20.03 5.73 -21.50
C ASP B 170 20.20 4.23 -21.30
N LYS B 171 19.72 3.73 -20.17
CA LYS B 171 19.70 2.29 -19.94
C LYS B 171 18.52 1.89 -19.07
N ILE B 172 18.24 0.58 -19.06
CA ILE B 172 17.12 0.00 -18.34
C ILE B 172 17.58 -1.25 -17.58
N TYR B 173 17.07 -1.42 -16.36
CA TYR B 173 17.24 -2.62 -15.58
C TYR B 173 15.88 -3.14 -15.11
N TYR B 174 15.77 -4.45 -14.99
CA TYR B 174 14.59 -5.10 -14.45
C TYR B 174 14.94 -5.81 -13.15
N VAL B 175 14.33 -5.35 -12.05
CA VAL B 175 14.49 -5.95 -10.74
C VAL B 175 13.24 -6.72 -10.38
N GLY B 176 13.32 -8.04 -10.39
CA GLY B 176 12.23 -8.89 -9.95
C GLY B 176 12.45 -9.23 -8.50
N GLU B 177 11.45 -8.94 -7.65
CA GLU B 177 11.53 -9.19 -6.21
C GLU B 177 10.70 -10.43 -5.87
N GLN B 178 11.32 -11.34 -5.12
CA GLN B 178 10.73 -12.64 -4.81
C GLN B 178 10.64 -12.88 -3.31
N ASP B 179 9.43 -13.17 -2.85
CA ASP B 179 9.20 -13.62 -1.48
C ASP B 179 9.27 -15.15 -1.52
N PHE B 180 10.14 -15.72 -0.69
CA PHE B 180 10.26 -17.17 -0.53
C PHE B 180 9.84 -17.57 0.88
N TYR B 181 9.36 -18.82 0.99
CA TYR B 181 8.80 -19.36 2.22
C TYR B 181 9.44 -20.73 2.43
N VAL B 182 10.60 -20.76 3.08
CA VAL B 182 11.40 -21.97 3.16
C VAL B 182 11.17 -22.65 4.51
N PRO B 183 10.70 -23.90 4.51
CA PRO B 183 10.51 -24.65 5.76
C PRO B 183 11.79 -24.80 6.58
N ARG B 184 11.62 -24.90 7.90
CA ARG B 184 12.74 -25.04 8.83
C ARG B 184 12.55 -26.28 9.72
N ASP B 185 13.66 -26.83 10.20
CA ASP B 185 13.64 -27.92 11.20
C ASP B 185 13.54 -27.32 12.60
N GLU B 186 13.63 -28.18 13.63
CA GLU B 186 13.47 -27.73 15.02
C GLU B 186 14.64 -26.88 15.54
N ASN B 187 15.81 -26.98 14.89
CA ASN B 187 16.97 -26.13 15.17
C ASN B 187 16.93 -24.73 14.52
N GLY B 188 15.87 -24.44 13.76
CA GLY B 188 15.78 -23.19 13.00
C GLY B 188 16.66 -23.18 11.76
N LYS B 189 16.96 -24.36 11.24
CA LYS B 189 17.79 -24.52 10.05
C LYS B 189 16.91 -24.92 8.86
N TYR B 190 17.17 -24.33 7.70
CA TYR B 190 16.33 -24.55 6.52
C TYR B 190 16.47 -25.97 5.94
N LYS B 191 15.33 -26.54 5.55
CA LYS B 191 15.26 -27.91 5.07
C LYS B 191 15.54 -27.99 3.57
N LYS B 192 16.15 -29.12 3.17
CA LYS B 192 16.39 -29.47 1.77
C LYS B 192 15.54 -30.69 1.40
N TYR B 193 15.07 -30.72 0.15
CA TYR B 193 14.19 -31.76 -0.36
C TYR B 193 14.72 -32.32 -1.69
N GLU B 194 14.35 -33.56 -2.00
CA GLU B 194 14.86 -34.23 -3.20
C GLU B 194 14.14 -33.78 -4.47
N ALA B 195 12.82 -33.62 -4.39
CA ALA B 195 12.01 -33.15 -5.52
C ALA B 195 11.03 -32.05 -5.09
N PRO B 196 10.56 -31.23 -6.04
CA PRO B 196 9.59 -30.17 -5.74
C PRO B 196 8.40 -30.59 -4.86
N GLY B 197 7.77 -31.70 -5.23
CA GLY B 197 6.55 -32.15 -4.57
C GLY B 197 6.72 -32.51 -3.10
N ASP B 198 7.93 -32.96 -2.74
CA ASP B 198 8.26 -33.31 -1.37
C ASP B 198 8.18 -32.11 -0.40
N ALA B 199 8.41 -30.91 -0.93
CA ALA B 199 8.40 -29.70 -0.11
C ALA B 199 7.03 -29.07 0.03
N TYR B 200 6.03 -29.57 -0.70
CA TYR B 200 4.73 -28.91 -0.83
C TYR B 200 4.01 -28.63 0.51
N GLU B 201 3.75 -29.67 1.28
CA GLU B 201 2.94 -29.51 2.49
C GLU B 201 3.60 -28.60 3.52
N ASP B 202 4.90 -28.81 3.72
CA ASP B 202 5.71 -27.98 4.60
C ASP B 202 5.73 -26.51 4.15
N THR B 203 5.81 -26.31 2.84
CA THR B 203 5.87 -24.96 2.26
C THR B 203 4.55 -24.24 2.46
N VAL B 204 3.45 -24.95 2.26
CA VAL B 204 2.10 -24.39 2.40
C VAL B 204 1.88 -23.86 3.83
N LYS B 205 2.39 -24.58 4.83
CA LYS B 205 2.30 -24.12 6.21
C LYS B 205 3.06 -22.80 6.42
N VAL B 206 4.24 -22.68 5.87
CA VAL B 206 5.01 -21.43 5.96
C VAL B 206 4.28 -20.29 5.21
N MET B 207 3.72 -20.60 4.05
CA MET B 207 2.97 -19.63 3.27
C MET B 207 1.81 -19.04 4.07
N ARG B 208 1.13 -19.89 4.84
CA ARG B 208 -0.01 -19.47 5.65
C ARG B 208 0.37 -18.45 6.76
N THR B 209 1.64 -18.38 7.15
CA THR B 209 2.07 -17.35 8.10
C THR B 209 2.10 -15.94 7.49
N LEU B 210 2.10 -15.88 6.16
CA LEU B 210 2.23 -14.63 5.39
C LEU B 210 3.53 -13.88 5.74
N THR B 211 4.52 -14.64 6.19
CA THR B 211 5.79 -14.08 6.63
C THR B 211 6.90 -14.79 5.86
N PRO B 212 7.41 -14.17 4.80
CA PRO B 212 8.47 -14.81 4.05
C PRO B 212 9.73 -14.96 4.88
N THR B 213 10.49 -16.01 4.62
CA THR B 213 11.79 -16.20 5.26
C THR B 213 12.88 -15.39 4.57
N HIS B 214 12.69 -15.17 3.25
CA HIS B 214 13.62 -14.45 2.39
C HIS B 214 12.81 -13.54 1.48
N VAL B 215 13.34 -12.35 1.21
CA VAL B 215 12.79 -11.45 0.20
C VAL B 215 14.00 -10.93 -0.56
N VAL B 216 14.10 -11.30 -1.85
CA VAL B 216 15.33 -11.13 -2.60
C VAL B 216 15.08 -10.54 -3.98
N PHE B 217 16.12 -9.91 -4.53
CA PHE B 217 16.14 -9.45 -5.90
C PHE B 217 16.95 -10.41 -6.76
N ASN B 218 16.48 -10.66 -7.98
CA ASN B 218 17.19 -11.53 -8.94
C ASN B 218 17.55 -12.90 -8.36
N GLY B 219 16.65 -13.44 -7.55
CA GLY B 219 16.69 -14.83 -7.15
C GLY B 219 17.47 -15.19 -5.89
N ALA B 220 18.22 -14.25 -5.32
CA ALA B 220 19.07 -14.56 -4.17
C ALA B 220 19.51 -13.33 -3.40
N VAL B 221 19.75 -13.52 -2.10
CA VAL B 221 20.42 -12.52 -1.29
C VAL B 221 21.72 -12.11 -1.99
N GLY B 222 21.91 -10.80 -2.15
CA GLY B 222 23.14 -10.25 -2.69
C GLY B 222 23.36 -10.44 -4.17
N ALA B 223 22.34 -10.93 -4.90
CA ALA B 223 22.48 -11.20 -6.33
C ALA B 223 22.85 -9.96 -7.17
N LEU B 224 22.42 -8.78 -6.75
CA LEU B 224 22.71 -7.52 -7.43
C LEU B 224 23.67 -6.64 -6.62
N THR B 225 24.66 -7.28 -6.00
CA THR B 225 25.73 -6.58 -5.30
C THR B 225 27.09 -7.11 -5.74
N GLY B 226 28.16 -6.54 -5.19
CA GLY B 226 29.51 -6.83 -5.60
C GLY B 226 29.73 -6.53 -7.06
N ASP B 227 30.30 -7.49 -7.77
CA ASP B 227 30.56 -7.35 -9.20
C ASP B 227 29.30 -7.46 -10.06
N LYS B 228 28.17 -7.79 -9.42
CA LYS B 228 26.86 -7.83 -10.07
C LYS B 228 26.02 -6.60 -9.73
N ALA B 229 26.61 -5.61 -9.09
CA ALA B 229 25.97 -4.32 -8.92
C ALA B 229 25.58 -3.72 -10.28
N MET B 230 24.43 -3.05 -10.31
CA MET B 230 24.01 -2.25 -11.46
C MET B 230 24.93 -1.03 -11.53
N THR B 231 25.06 -0.42 -12.70
CA THR B 231 25.98 0.70 -12.91
C THR B 231 25.35 1.87 -13.66
N ALA B 232 25.88 3.06 -13.39
CA ALA B 232 25.50 4.28 -14.09
C ALA B 232 26.61 5.32 -13.94
N ALA B 233 26.39 6.47 -14.57
CA ALA B 233 27.30 7.61 -14.46
C ALA B 233 26.51 8.86 -14.11
N VAL B 234 27.16 9.84 -13.51
CA VAL B 234 26.56 11.16 -13.33
C VAL B 234 26.06 11.66 -14.69
N GLY B 235 24.82 12.13 -14.71
CA GLY B 235 24.18 12.61 -15.93
C GLY B 235 23.36 11.57 -16.66
N GLU B 236 23.57 10.29 -16.34
CA GLU B 236 22.90 9.20 -17.05
C GLU B 236 21.48 8.97 -16.53
N LYS B 237 20.59 8.64 -17.47
CA LYS B 237 19.17 8.47 -17.24
C LYS B 237 18.82 6.98 -17.23
N VAL B 238 18.27 6.50 -16.12
CA VAL B 238 18.03 5.07 -15.95
C VAL B 238 16.58 4.81 -15.60
N LEU B 239 15.98 3.82 -16.26
CA LEU B 239 14.68 3.28 -15.89
C LEU B 239 14.88 1.97 -15.14
N ILE B 240 14.30 1.88 -13.95
CA ILE B 240 14.25 0.64 -13.17
C ILE B 240 12.81 0.13 -13.15
N VAL B 241 12.57 -0.99 -13.83
CA VAL B 241 11.31 -1.72 -13.76
C VAL B 241 11.41 -2.68 -12.56
N HIS B 242 10.36 -2.73 -11.75
CA HIS B 242 10.37 -3.51 -10.51
C HIS B 242 9.05 -4.29 -10.50
N SER B 243 9.12 -5.61 -10.30
CA SER B 243 7.91 -6.42 -10.17
C SER B 243 7.85 -7.18 -8.85
N GLN B 244 6.63 -7.50 -8.45
CA GLN B 244 6.37 -8.39 -7.31
C GLN B 244 5.03 -9.05 -7.58
N ALA B 245 5.07 -10.35 -7.88
CA ALA B 245 3.90 -11.07 -8.35
C ALA B 245 2.94 -11.51 -7.24
N ASN B 246 3.41 -11.51 -5.99
CA ASN B 246 2.61 -12.02 -4.84
C ASN B 246 2.42 -11.08 -3.65
N ARG B 247 3.32 -10.11 -3.47
CA ARG B 247 3.42 -9.41 -2.20
C ARG B 247 3.92 -7.99 -2.40
N ASP B 248 3.46 -7.09 -1.55
CA ASP B 248 3.78 -5.67 -1.65
C ASP B 248 5.27 -5.39 -1.50
N THR B 249 5.70 -4.30 -2.11
CA THR B 249 7.04 -3.77 -1.90
C THR B 249 7.03 -2.25 -1.96
N ARG B 250 8.11 -1.64 -1.50
CA ARG B 250 8.20 -0.19 -1.44
C ARG B 250 9.62 0.27 -1.84
N PRO B 251 9.89 0.30 -3.15
CA PRO B 251 11.25 0.60 -3.62
C PRO B 251 11.76 1.99 -3.25
N HIS B 252 13.06 2.05 -2.97
CA HIS B 252 13.73 3.28 -2.56
C HIS B 252 15.18 3.24 -3.06
N LEU B 253 15.64 4.32 -3.66
CA LEU B 253 17.04 4.46 -4.06
C LEU B 253 17.75 5.30 -2.99
N ILE B 254 18.60 4.67 -2.18
CA ILE B 254 19.29 5.37 -1.09
C ILE B 254 20.36 6.31 -1.64
N GLY B 255 20.22 7.60 -1.35
CA GLY B 255 21.04 8.66 -1.91
C GLY B 255 20.45 9.30 -3.17
N GLY B 256 19.35 8.75 -3.67
CA GLY B 256 18.70 9.29 -4.86
C GLY B 256 17.21 9.48 -4.65
N HIS B 257 16.48 9.45 -5.77
CA HIS B 257 15.02 9.60 -5.80
C HIS B 257 14.47 8.86 -7.03
N GLY B 258 13.14 8.78 -7.11
CA GLY B 258 12.46 8.48 -8.35
C GLY B 258 11.97 9.78 -8.95
N ASP B 259 12.67 10.31 -9.94
CA ASP B 259 12.29 11.61 -10.53
C ASP B 259 10.88 11.55 -11.12
N TYR B 260 10.59 10.46 -11.82
CA TYR B 260 9.25 10.14 -12.32
C TYR B 260 9.00 8.68 -11.98
N VAL B 261 7.86 8.39 -11.38
CA VAL B 261 7.53 7.01 -11.02
C VAL B 261 6.11 6.69 -11.47
N TRP B 262 5.99 5.71 -12.37
CA TRP B 262 4.70 5.11 -12.67
C TRP B 262 4.49 4.02 -11.62
N ALA B 263 3.97 4.41 -10.46
CA ALA B 263 3.90 3.47 -9.33
C ALA B 263 2.91 2.34 -9.61
N THR B 264 1.86 2.60 -10.41
CA THR B 264 0.93 1.56 -10.83
C THR B 264 1.45 0.77 -12.03
N GLY B 265 2.52 1.28 -12.64
CA GLY B 265 3.16 0.63 -13.77
C GLY B 265 2.50 0.95 -15.09
N LYS B 266 1.47 1.79 -15.11
CA LYS B 266 0.69 2.01 -16.34
C LYS B 266 0.93 3.41 -16.92
N PHE B 267 1.40 3.46 -18.17
CA PHE B 267 1.93 4.71 -18.76
C PHE B 267 0.87 5.77 -19.13
N ASN B 268 -0.39 5.37 -19.20
CA ASN B 268 -1.50 6.33 -19.38
C ASN B 268 -1.94 6.95 -18.05
N THR B 269 -1.43 6.42 -16.94
CA THR B 269 -1.58 7.04 -15.61
C THR B 269 -0.35 7.91 -15.38
N PRO B 270 -0.51 9.24 -15.31
CA PRO B 270 0.65 10.13 -15.18
C PRO B 270 1.55 9.73 -13.99
N PRO B 271 2.86 9.86 -14.15
CA PRO B 271 3.79 9.46 -13.08
C PRO B 271 3.78 10.43 -11.90
N ASP B 272 3.98 9.88 -10.71
CA ASP B 272 4.33 10.66 -9.54
C ASP B 272 5.72 11.24 -9.75
N VAL B 273 6.05 12.34 -9.07
CA VAL B 273 7.37 12.95 -9.21
C VAL B 273 8.06 13.19 -7.88
N ASP B 274 9.40 13.28 -7.93
CA ASP B 274 10.26 13.61 -6.79
C ASP B 274 10.11 12.61 -5.62
N GLN B 275 9.90 11.35 -5.95
CA GLN B 275 9.54 10.34 -4.96
C GLN B 275 10.73 9.91 -4.09
N GLU B 276 10.51 9.72 -2.80
CA GLU B 276 11.53 9.11 -1.94
C GLU B 276 11.38 7.60 -1.96
N THR B 277 10.15 7.14 -1.72
CA THR B 277 9.84 5.73 -1.64
C THR B 277 8.51 5.52 -2.30
N TRP B 278 8.46 4.66 -3.31
CA TRP B 278 7.21 4.40 -4.00
C TRP B 278 6.68 3.04 -3.56
N PHE B 279 5.51 2.67 -4.05
CA PHE B 279 4.78 1.50 -3.56
C PHE B 279 4.20 0.71 -4.72
N ILE B 280 4.52 -0.59 -4.76
CA ILE B 280 4.03 -1.51 -5.79
C ILE B 280 3.30 -2.64 -5.09
N PRO B 281 1.99 -2.77 -5.32
CA PRO B 281 1.22 -3.82 -4.67
C PRO B 281 1.55 -5.20 -5.22
N GLY B 282 1.44 -6.23 -4.39
CA GLY B 282 1.57 -7.60 -4.83
C GLY B 282 0.68 -7.86 -6.04
N GLY B 283 1.23 -8.51 -7.06
CA GLY B 283 0.57 -8.69 -8.33
C GLY B 283 0.72 -7.60 -9.36
N ALA B 284 1.75 -6.77 -9.22
CA ALA B 284 1.96 -5.67 -10.17
C ALA B 284 3.41 -5.36 -10.42
N ALA B 285 3.67 -4.64 -11.51
CA ALA B 285 4.98 -4.06 -11.78
C ALA B 285 4.87 -2.54 -11.74
N GLY B 286 5.96 -1.88 -11.41
CA GLY B 286 6.09 -0.43 -11.47
C GLY B 286 7.37 -0.04 -12.19
N ALA B 287 7.52 1.25 -12.53
CA ALA B 287 8.77 1.74 -13.10
C ALA B 287 9.15 3.13 -12.60
N ALA B 288 10.44 3.33 -12.40
CA ALA B 288 10.97 4.60 -11.91
C ALA B 288 12.05 5.10 -12.85
N PHE B 289 12.06 6.40 -13.10
CA PHE B 289 13.01 7.06 -13.97
C PHE B 289 13.83 8.03 -13.13
N TYR B 290 15.15 7.94 -13.20
CA TYR B 290 16.06 8.83 -12.45
C TYR B 290 17.27 9.24 -13.27
N THR B 291 17.65 10.50 -13.14
CA THR B 291 18.90 11.01 -13.67
C THR B 291 19.90 11.12 -12.50
N PHE B 292 20.96 10.32 -12.53
CA PHE B 292 21.97 10.39 -11.48
C PHE B 292 22.71 11.74 -11.51
N GLN B 293 22.95 12.28 -10.32
CA GLN B 293 23.61 13.56 -10.12
C GLN B 293 24.88 13.49 -9.26
N GLN B 294 25.06 12.37 -8.56
CA GLN B 294 26.19 12.19 -7.63
C GLN B 294 26.84 10.84 -7.89
N PRO B 295 28.17 10.77 -7.83
CA PRO B 295 28.88 9.51 -7.98
C PRO B 295 28.89 8.73 -6.66
N GLY B 296 29.31 7.47 -6.72
CA GLY B 296 29.48 6.64 -5.55
C GLY B 296 28.52 5.45 -5.51
N ILE B 297 28.51 4.78 -4.36
CA ILE B 297 27.66 3.63 -4.16
C ILE B 297 26.27 4.12 -3.73
N TYR B 298 25.25 3.49 -4.31
CA TYR B 298 23.86 3.64 -3.86
C TYR B 298 23.37 2.24 -3.53
N ALA B 299 22.41 2.15 -2.63
CA ALA B 299 21.66 0.92 -2.41
C ALA B 299 20.23 1.16 -2.86
N TYR B 300 19.70 0.19 -3.59
CA TYR B 300 18.32 0.17 -4.04
C TYR B 300 17.64 -0.93 -3.24
N VAL B 301 16.58 -0.55 -2.52
CA VAL B 301 15.98 -1.42 -1.51
C VAL B 301 14.45 -1.38 -1.48
N ASN B 302 13.88 -2.45 -0.93
CA ASN B 302 12.52 -2.44 -0.38
C ASN B 302 12.68 -1.75 0.99
N HIS B 303 12.03 -0.60 1.19
CA HIS B 303 12.30 0.22 2.38
C HIS B 303 11.45 -0.17 3.61
N ASN B 304 10.94 -1.38 3.65
CA ASN B 304 10.86 -2.06 4.95
C ASN B 304 12.27 -2.57 5.19
N LEU B 305 12.98 -1.88 6.06
CA LEU B 305 14.42 -2.08 6.19
C LEU B 305 14.79 -3.44 6.78
N ILE B 306 13.86 -4.07 7.50
CA ILE B 306 14.02 -5.47 7.91
C ILE B 306 14.03 -6.34 6.67
N GLU B 307 13.06 -6.13 5.78
CA GLU B 307 13.02 -6.89 4.53
C GLU B 307 14.27 -6.66 3.68
N ALA B 308 14.75 -5.42 3.63
CA ALA B 308 15.96 -5.07 2.89
C ALA B 308 17.22 -5.73 3.43
N PHE B 309 17.47 -5.54 4.72
CA PHE B 309 18.79 -5.83 5.29
C PHE B 309 18.87 -7.12 6.12
N GLU B 310 17.74 -7.62 6.62
CA GLU B 310 17.67 -8.96 7.21
C GLU B 310 17.24 -10.05 6.22
N LEU B 311 16.22 -9.76 5.39
CA LEU B 311 15.62 -10.79 4.54
C LEU B 311 16.19 -10.86 3.12
N GLY B 312 16.86 -9.80 2.66
CA GLY B 312 17.60 -9.87 1.42
C GLY B 312 17.31 -8.87 0.32
N ALA B 313 16.36 -7.96 0.53
CA ALA B 313 15.87 -7.09 -0.55
C ALA B 313 16.69 -5.81 -0.68
N ALA B 314 17.95 -5.97 -1.09
CA ALA B 314 18.89 -4.86 -1.27
C ALA B 314 19.81 -5.12 -2.48
N ALA B 315 19.93 -4.11 -3.34
CA ALA B 315 20.84 -4.14 -4.49
C ALA B 315 21.73 -2.92 -4.41
N HIS B 316 22.79 -2.90 -5.19
CA HIS B 316 23.68 -1.73 -5.24
C HIS B 316 23.75 -1.18 -6.67
N PHE B 317 24.00 0.12 -6.75
CA PHE B 317 24.42 0.81 -7.95
C PHE B 317 25.82 1.35 -7.70
N LYS B 318 26.72 1.16 -8.64
CA LYS B 318 28.03 1.83 -8.63
C LYS B 318 28.00 2.92 -9.70
N VAL B 319 28.24 4.18 -9.30
CA VAL B 319 28.08 5.34 -10.17
C VAL B 319 29.38 6.15 -10.30
N THR B 320 29.86 6.28 -11.53
CA THR B 320 31.10 7.01 -11.83
C THR B 320 30.82 8.49 -12.01
N GLY B 321 31.85 9.32 -11.87
CA GLY B 321 31.72 10.75 -12.06
C GLY B 321 32.20 11.63 -10.92
N GLU B 322 31.93 12.92 -11.10
CA GLU B 322 32.45 14.01 -10.26
C GLU B 322 31.45 14.35 -9.15
N TRP B 323 31.95 14.49 -7.92
CA TRP B 323 31.12 14.89 -6.79
C TRP B 323 30.62 16.34 -6.95
N ASN B 324 29.38 16.59 -6.55
CA ASN B 324 28.74 17.91 -6.65
C ASN B 324 28.53 18.47 -5.24
N ASP B 325 29.40 19.40 -4.84
CA ASP B 325 29.38 19.99 -3.50
C ASP B 325 28.22 20.95 -3.27
N ASP B 326 27.65 21.47 -4.36
CA ASP B 326 26.46 22.29 -4.27
C ASP B 326 25.31 21.43 -3.73
N LEU B 327 25.12 20.24 -4.28
CA LEU B 327 24.04 19.36 -3.85
C LEU B 327 24.27 18.84 -2.43
N MET B 328 25.53 18.58 -2.09
CA MET B 328 25.89 18.04 -0.77
C MET B 328 27.38 18.17 -0.47
N THR B 329 27.71 18.58 0.75
CA THR B 329 29.10 18.65 1.16
C THR B 329 29.25 18.41 2.66
N SER B 330 30.32 17.73 3.03
CA SER B 330 30.71 17.57 4.42
C SER B 330 31.49 18.81 4.86
N VAL B 331 30.79 19.73 5.52
CA VAL B 331 31.38 20.95 6.05
C VAL B 331 32.43 20.63 7.12
N LEU B 332 32.10 19.68 7.99
CA LEU B 332 33.04 19.16 8.97
C LEU B 332 32.91 17.65 9.01
N ALA B 333 33.97 16.95 8.60
CA ALA B 333 33.99 15.50 8.65
C ALA B 333 33.95 15.05 10.12
N PRO B 334 33.47 13.83 10.36
CA PRO B 334 33.48 13.25 11.70
C PRO B 334 34.80 13.52 12.42
N SER B 335 34.72 14.19 13.56
CA SER B 335 35.90 14.60 14.32
C SER B 335 35.55 14.83 15.80
N GLY B 336 36.58 14.81 16.65
CA GLY B 336 36.39 14.94 18.09
C GLY B 336 35.66 16.21 18.51
N ALA C 1 -27.72 24.42 4.75
CA ALA C 1 -29.20 24.51 4.86
C ALA C 1 -29.66 24.64 6.32
N THR C 2 -30.82 25.26 6.52
CA THR C 2 -31.43 25.41 7.84
C THR C 2 -32.24 24.17 8.17
N ALA C 3 -32.57 23.98 9.45
CA ALA C 3 -33.43 22.88 9.87
C ALA C 3 -34.77 22.87 9.10
N ALA C 4 -35.32 24.05 8.85
CA ALA C 4 -36.59 24.16 8.11
C ALA C 4 -36.43 23.74 6.66
N GLU C 5 -35.34 24.17 6.03
CA GLU C 5 -35.10 23.86 4.63
C GLU C 5 -34.95 22.35 4.43
N ILE C 6 -34.33 21.67 5.39
CA ILE C 6 -34.12 20.23 5.30
C ILE C 6 -35.45 19.49 5.51
N ALA C 7 -36.31 20.02 6.37
CA ALA C 7 -37.60 19.38 6.68
C ALA C 7 -38.55 19.42 5.49
N ALA C 8 -38.28 20.34 4.57
CA ALA C 8 -39.09 20.54 3.37
C ALA C 8 -38.60 19.69 2.19
N LEU C 9 -37.43 19.07 2.32
CA LEU C 9 -36.86 18.27 1.24
C LEU C 9 -37.65 16.97 1.05
N PRO C 10 -37.76 16.48 -0.18
CA PRO C 10 -38.41 15.18 -0.40
C PRO C 10 -37.74 14.03 0.36
N ARG C 11 -38.53 13.07 0.82
CA ARG C 11 -38.02 11.85 1.43
C ARG C 11 -38.19 10.68 0.46
N GLN C 12 -37.17 9.82 0.39
CA GLN C 12 -37.23 8.60 -0.40
C GLN C 12 -36.80 7.40 0.47
N LYS C 13 -37.70 6.42 0.60
CA LYS C 13 -37.41 5.19 1.34
C LYS C 13 -36.74 4.21 0.39
N VAL C 14 -35.56 3.73 0.77
CA VAL C 14 -34.82 2.75 -0.02
C VAL C 14 -34.96 1.35 0.60
N GLU C 15 -35.07 0.35 -0.27
CA GLU C 15 -35.10 -1.05 0.16
C GLU C 15 -33.73 -1.66 -0.18
N LEU C 16 -32.99 -2.05 0.84
CA LEU C 16 -31.65 -2.58 0.67
C LEU C 16 -31.69 -4.02 0.16
N VAL C 17 -30.69 -4.38 -0.64
CA VAL C 17 -30.51 -5.76 -1.09
C VAL C 17 -29.14 -6.29 -0.63
N ASP C 18 -29.04 -7.60 -0.56
CA ASP C 18 -27.86 -8.27 -0.04
C ASP C 18 -26.71 -8.21 -1.04
N PRO C 19 -25.51 -7.91 -0.54
CA PRO C 19 -24.31 -8.00 -1.39
C PRO C 19 -24.19 -9.36 -2.08
N PRO C 20 -23.59 -9.43 -3.27
CA PRO C 20 -22.88 -8.32 -3.91
C PRO C 20 -23.78 -7.44 -4.77
N PHE C 21 -25.09 -7.63 -4.71
CA PHE C 21 -26.01 -6.80 -5.47
C PHE C 21 -26.21 -5.48 -4.75
N VAL C 22 -26.70 -4.50 -5.50
CA VAL C 22 -26.87 -3.14 -5.01
C VAL C 22 -28.29 -2.71 -5.31
N HIS C 23 -28.89 -2.00 -4.35
CA HIS C 23 -30.28 -1.58 -4.45
C HIS C 23 -30.47 -0.64 -5.64
N ALA C 24 -31.71 -0.49 -6.07
CA ALA C 24 -32.02 0.33 -7.23
C ALA C 24 -31.64 1.77 -6.96
N HIS C 25 -31.06 2.41 -7.97
CA HIS C 25 -30.63 3.79 -7.89
C HIS C 25 -30.43 4.32 -9.29
N SER C 26 -30.28 5.64 -9.39
CA SER C 26 -29.95 6.28 -10.65
C SER C 26 -28.54 6.82 -10.54
N GLN C 27 -27.76 6.68 -11.60
CA GLN C 27 -26.40 7.19 -11.65
C GLN C 27 -26.40 8.72 -11.65
N VAL C 28 -27.12 9.32 -12.60
CA VAL C 28 -27.43 10.75 -12.54
C VAL C 28 -28.61 10.92 -11.58
N ALA C 29 -28.50 11.88 -10.66
CA ALA C 29 -29.54 12.14 -9.68
C ALA C 29 -30.83 12.61 -10.36
N GLU C 30 -31.95 12.06 -9.90
CA GLU C 30 -33.27 12.39 -10.41
C GLU C 30 -33.88 13.46 -9.50
N GLY C 31 -33.50 14.71 -9.72
CA GLY C 31 -34.03 15.85 -8.98
C GLY C 31 -32.99 16.55 -8.13
N GLY C 32 -33.46 17.38 -7.20
CA GLY C 32 -32.62 18.06 -6.24
C GLY C 32 -32.38 17.21 -4.99
N PRO C 33 -31.67 17.77 -4.01
CA PRO C 33 -31.34 17.05 -2.77
C PRO C 33 -32.53 16.40 -2.07
N LYS C 34 -32.33 15.18 -1.57
CA LYS C 34 -33.35 14.43 -0.86
C LYS C 34 -32.79 13.93 0.46
N VAL C 35 -33.68 13.57 1.36
CA VAL C 35 -33.33 12.79 2.54
C VAL C 35 -33.62 11.34 2.20
N VAL C 36 -32.56 10.57 1.95
CA VAL C 36 -32.65 9.17 1.56
C VAL C 36 -32.63 8.32 2.83
N GLU C 37 -33.67 7.53 3.04
CA GLU C 37 -33.88 6.80 4.29
C GLU C 37 -33.55 5.32 4.14
N PHE C 38 -32.77 4.80 5.10
CA PHE C 38 -32.40 3.38 5.16
C PHE C 38 -32.68 2.83 6.55
N THR C 39 -33.03 1.55 6.64
CA THR C 39 -33.16 0.87 7.92
C THR C 39 -32.32 -0.41 7.91
N MET C 40 -31.64 -0.67 9.03
CA MET C 40 -30.87 -1.89 9.21
C MET C 40 -31.01 -2.40 10.63
N VAL C 41 -31.35 -3.67 10.74
CA VAL C 41 -31.34 -4.39 12.00
C VAL C 41 -30.01 -5.12 12.11
N ILE C 42 -29.33 -4.96 13.24
CA ILE C 42 -28.06 -5.63 13.47
C ILE C 42 -28.33 -7.02 14.03
N GLU C 43 -27.78 -8.04 13.40
CA GLU C 43 -28.00 -9.40 13.83
C GLU C 43 -26.68 -10.02 14.25
N GLU C 44 -26.59 -10.43 15.51
CA GLU C 44 -25.52 -11.29 15.98
C GLU C 44 -25.89 -12.72 15.59
N LYS C 45 -25.02 -13.38 14.84
CA LYS C 45 -25.28 -14.73 14.36
C LYS C 45 -23.99 -15.49 14.10
N LYS C 46 -24.05 -16.81 14.27
CA LYS C 46 -22.97 -17.68 13.82
C LYS C 46 -22.97 -17.73 12.30
N ILE C 47 -21.78 -17.60 11.70
CA ILE C 47 -21.61 -17.83 10.29
C ILE C 47 -20.51 -18.87 10.09
N VAL C 48 -20.69 -19.71 9.09
CA VAL C 48 -19.71 -20.70 8.74
C VAL C 48 -18.94 -20.15 7.56
N ILE C 49 -17.62 -20.06 7.72
CA ILE C 49 -16.78 -19.32 6.78
C ILE C 49 -15.91 -20.19 5.88
N ASP C 50 -15.83 -21.50 6.15
CA ASP C 50 -15.07 -22.41 5.29
C ASP C 50 -15.70 -23.81 5.25
N ASP C 51 -15.13 -24.72 4.46
CA ASP C 51 -15.71 -26.06 4.31
C ASP C 51 -15.30 -27.04 5.43
N ALA C 52 -14.54 -26.55 6.41
CA ALA C 52 -14.24 -27.31 7.63
C ALA C 52 -15.22 -26.98 8.76
N GLY C 53 -16.25 -26.19 8.46
CA GLY C 53 -17.27 -25.85 9.43
C GLY C 53 -16.83 -24.82 10.46
N THR C 54 -15.78 -24.07 10.14
CA THR C 54 -15.28 -23.02 11.02
C THR C 54 -16.31 -21.93 11.19
N GLU C 55 -16.49 -21.51 12.43
CA GLU C 55 -17.53 -20.57 12.81
C GLU C 55 -16.94 -19.24 13.28
N VAL C 56 -17.65 -18.18 12.98
CA VAL C 56 -17.39 -16.84 13.50
C VAL C 56 -18.69 -16.33 14.10
N HIS C 57 -18.60 -15.71 15.28
CA HIS C 57 -19.71 -14.92 15.81
C HIS C 57 -19.72 -13.56 15.14
N ALA C 58 -20.58 -13.42 14.14
CA ALA C 58 -20.62 -12.25 13.28
C ALA C 58 -21.44 -11.12 13.88
N MET C 59 -21.05 -9.89 13.57
CA MET C 59 -21.91 -8.73 13.70
C MET C 59 -22.35 -8.37 12.30
N ALA C 60 -23.60 -8.66 11.99
CA ALA C 60 -24.10 -8.56 10.62
C ALA C 60 -25.15 -7.46 10.50
N PHE C 61 -24.71 -6.26 10.11
CA PHE C 61 -25.61 -5.21 9.65
C PHE C 61 -26.58 -5.77 8.59
N ASN C 62 -27.88 -5.60 8.82
CA ASN C 62 -28.92 -6.08 7.91
C ASN C 62 -28.87 -7.60 7.66
N GLY C 63 -28.16 -8.33 8.53
CA GLY C 63 -28.08 -9.77 8.47
C GLY C 63 -27.02 -10.32 7.53
N THR C 64 -26.18 -9.45 6.94
CA THR C 64 -25.12 -9.90 6.04
C THR C 64 -23.71 -9.40 6.44
N VAL C 65 -22.70 -10.11 5.94
CA VAL C 65 -21.30 -9.70 6.01
C VAL C 65 -20.77 -9.75 4.57
N PRO C 66 -20.43 -8.61 3.97
CA PRO C 66 -20.51 -7.29 4.59
C PRO C 66 -21.96 -6.82 4.72
N GLY C 67 -22.18 -5.74 5.45
CA GLY C 67 -23.45 -5.07 5.41
C GLY C 67 -23.67 -4.53 4.01
N PRO C 68 -24.91 -4.18 3.69
CA PRO C 68 -25.28 -3.75 2.34
C PRO C 68 -24.68 -2.41 1.91
N LEU C 69 -24.58 -2.20 0.60
CA LEU C 69 -24.18 -0.92 0.03
C LEU C 69 -25.36 0.04 0.01
N MET C 70 -25.16 1.22 0.60
CA MET C 70 -26.12 2.31 0.54
C MET C 70 -25.65 3.33 -0.49
N VAL C 71 -26.56 3.76 -1.34
CA VAL C 71 -26.23 4.63 -2.47
C VAL C 71 -27.05 5.90 -2.37
N VAL C 72 -26.35 7.04 -2.29
CA VAL C 72 -26.94 8.37 -2.38
C VAL C 72 -26.15 9.21 -3.38
N HIS C 73 -26.55 10.47 -3.55
CA HIS C 73 -25.76 11.40 -4.34
C HIS C 73 -25.24 12.50 -3.44
N GLN C 74 -24.24 13.22 -3.93
CA GLN C 74 -23.56 14.25 -3.17
C GLN C 74 -24.57 15.32 -2.76
N ASP C 75 -24.57 15.65 -1.47
CA ASP C 75 -25.41 16.71 -0.89
C ASP C 75 -26.86 16.29 -0.65
N ASP C 76 -27.16 15.02 -0.90
CA ASP C 76 -28.28 14.35 -0.23
C ASP C 76 -27.96 14.20 1.24
N TYR C 77 -28.98 13.86 2.01
CA TYR C 77 -28.81 13.43 3.39
C TYR C 77 -29.09 11.95 3.45
N LEU C 78 -28.28 11.22 4.21
CA LEU C 78 -28.51 9.82 4.50
C LEU C 78 -29.05 9.76 5.92
N GLU C 79 -30.26 9.22 6.06
CA GLU C 79 -30.91 9.07 7.36
C GLU C 79 -31.07 7.58 7.64
N LEU C 80 -30.23 7.08 8.55
CA LEU C 80 -30.25 5.68 8.92
C LEU C 80 -31.03 5.45 10.20
N THR C 81 -31.98 4.53 10.15
CA THR C 81 -32.55 3.95 11.36
C THR C 81 -31.81 2.67 11.64
N LEU C 82 -31.11 2.63 12.77
CA LEU C 82 -30.32 1.47 13.15
C LEU C 82 -30.91 0.83 14.40
N ILE C 83 -31.14 -0.48 14.34
CA ILE C 83 -31.87 -1.22 15.38
C ILE C 83 -31.01 -2.34 15.95
N ASN C 84 -30.88 -2.36 17.29
CA ASN C 84 -30.20 -3.44 17.99
C ASN C 84 -31.27 -4.25 18.73
N PRO C 85 -31.62 -5.43 18.22
CA PRO C 85 -32.71 -6.22 18.81
C PRO C 85 -32.38 -6.78 20.19
N GLU C 86 -33.42 -7.14 20.93
CA GLU C 86 -33.27 -7.62 22.31
C GLU C 86 -32.61 -9.00 22.37
N THR C 87 -32.67 -9.74 21.27
CA THR C 87 -31.99 -11.03 21.14
C THR C 87 -30.45 -10.94 21.10
N ASN C 88 -29.91 -9.75 20.81
CA ASN C 88 -28.46 -9.52 20.83
C ASN C 88 -27.92 -9.36 22.26
N THR C 89 -26.61 -9.55 22.41
CA THR C 89 -25.95 -9.51 23.73
C THR C 89 -25.06 -8.29 23.94
N LEU C 90 -24.70 -7.60 22.85
CA LEU C 90 -23.72 -6.51 22.89
C LEU C 90 -24.28 -5.18 22.43
N MET C 91 -23.69 -4.10 22.92
CA MET C 91 -23.89 -2.78 22.36
C MET C 91 -23.16 -2.69 21.01
N HIS C 92 -23.77 -1.97 20.07
CA HIS C 92 -23.18 -1.67 18.76
C HIS C 92 -23.48 -0.22 18.37
N ASN C 93 -22.79 0.25 17.34
CA ASN C 93 -23.04 1.58 16.78
C ASN C 93 -22.59 1.61 15.31
N ILE C 94 -22.48 2.81 14.74
CA ILE C 94 -22.02 2.94 13.35
C ILE C 94 -21.23 4.23 13.12
N ASP C 95 -20.12 4.07 12.39
CA ASP C 95 -19.22 5.15 11.98
C ASP C 95 -19.21 5.15 10.46
N PHE C 96 -19.75 6.20 9.87
CA PHE C 96 -19.68 6.41 8.43
C PHE C 96 -18.43 7.24 8.13
N HIS C 97 -17.50 6.66 7.38
CA HIS C 97 -16.36 7.42 6.88
C HIS C 97 -16.78 8.58 5.96
N ALA C 98 -17.99 8.49 5.40
CA ALA C 98 -18.54 9.50 4.51
C ALA C 98 -19.02 10.74 5.27
N ALA C 99 -19.21 10.60 6.58
CA ALA C 99 -19.84 11.64 7.42
C ALA C 99 -18.83 12.48 8.17
N THR C 100 -19.29 13.63 8.66
CA THR C 100 -18.47 14.62 9.32
C THR C 100 -19.02 14.94 10.70
N GLY C 101 -18.29 14.53 11.73
CA GLY C 101 -18.63 14.81 13.11
C GLY C 101 -18.88 13.56 13.92
N ALA C 102 -18.75 13.71 15.25
CA ALA C 102 -19.03 12.68 16.23
C ALA C 102 -18.47 11.30 15.87
N LEU C 103 -17.19 11.27 15.52
CA LEU C 103 -16.51 10.02 15.18
C LEU C 103 -17.24 9.26 14.07
N GLY C 104 -17.70 10.01 13.06
CA GLY C 104 -18.43 9.45 11.92
C GLY C 104 -19.89 9.09 12.20
N GLY C 105 -20.38 9.45 13.39
CA GLY C 105 -21.69 9.01 13.84
C GLY C 105 -21.63 8.05 15.02
N GLY C 106 -20.47 7.43 15.23
CA GLY C 106 -20.29 6.46 16.31
C GLY C 106 -20.65 7.00 17.67
N GLY C 107 -20.29 8.26 17.92
CA GLY C 107 -20.59 8.92 19.18
C GLY C 107 -22.07 9.18 19.44
N LEU C 108 -22.89 9.10 18.39
CA LEU C 108 -24.34 9.38 18.48
C LEU C 108 -25.26 8.17 18.30
N THR C 109 -24.69 6.99 18.06
CA THR C 109 -25.47 5.81 17.70
C THR C 109 -25.18 4.59 18.58
N GLU C 110 -24.64 4.82 19.78
CA GLU C 110 -24.40 3.71 20.70
C GLU C 110 -25.74 3.17 21.23
N ILE C 111 -26.15 2.01 20.72
CA ILE C 111 -27.44 1.39 21.08
C ILE C 111 -27.24 0.01 21.70
N ASN C 112 -27.78 -0.16 22.90
CA ASN C 112 -27.78 -1.43 23.59
C ASN C 112 -28.88 -2.33 23.01
N PRO C 113 -28.82 -3.63 23.25
CA PRO C 113 -29.92 -4.53 22.84
C PRO C 113 -31.26 -4.00 23.37
N GLY C 114 -32.29 -4.01 22.53
CA GLY C 114 -33.56 -3.40 22.84
C GLY C 114 -33.71 -1.94 22.44
N GLU C 115 -32.67 -1.34 21.86
CA GLU C 115 -32.71 0.09 21.50
C GLU C 115 -32.56 0.33 20.01
N LYS C 116 -32.96 1.54 19.58
CA LYS C 116 -32.74 2.02 18.22
C LYS C 116 -32.41 3.51 18.20
N THR C 117 -31.85 3.96 17.08
CA THR C 117 -31.49 5.36 16.90
C THR C 117 -31.64 5.74 15.43
N ILE C 118 -31.79 7.03 15.17
CA ILE C 118 -31.83 7.56 13.82
C ILE C 118 -30.76 8.63 13.69
N LEU C 119 -29.83 8.42 12.77
CA LEU C 119 -28.77 9.36 12.46
C LEU C 119 -29.00 9.95 11.08
N ARG C 120 -28.81 11.24 10.96
CA ARG C 120 -28.83 11.89 9.67
C ARG C 120 -27.53 12.64 9.45
N PHE C 121 -26.92 12.49 8.28
CA PHE C 121 -25.77 13.28 7.89
C PHE C 121 -25.82 13.68 6.43
N LYS C 122 -25.13 14.77 6.11
CA LYS C 122 -25.06 15.30 4.76
C LYS C 122 -23.86 14.67 4.06
N ALA C 123 -24.11 14.02 2.92
CA ALA C 123 -23.06 13.36 2.13
C ALA C 123 -22.34 14.40 1.27
N THR C 124 -21.44 15.17 1.88
CA THR C 124 -20.85 16.32 1.21
C THR C 124 -19.72 15.96 0.24
N LYS C 125 -19.18 14.74 0.34
CA LYS C 125 -18.02 14.32 -0.44
C LYS C 125 -18.36 13.08 -1.30
N PRO C 126 -18.11 13.14 -2.61
CA PRO C 126 -18.43 12.04 -3.51
C PRO C 126 -17.37 10.94 -3.50
N GLY C 127 -17.82 9.70 -3.41
CA GLY C 127 -16.93 8.55 -3.34
C GLY C 127 -17.59 7.32 -2.78
N VAL C 128 -16.86 6.20 -2.80
CA VAL C 128 -17.21 5.05 -1.99
C VAL C 128 -16.46 5.18 -0.66
N PHE C 129 -17.16 4.90 0.44
CA PHE C 129 -16.63 5.04 1.81
C PHE C 129 -17.00 3.83 2.65
N VAL C 130 -16.09 3.41 3.51
CA VAL C 130 -16.38 2.37 4.48
C VAL C 130 -17.35 2.89 5.54
N TYR C 131 -18.20 2.02 6.08
CA TYR C 131 -18.83 2.23 7.39
C TYR C 131 -18.58 1.00 8.26
N HIS C 132 -18.52 1.20 9.57
CA HIS C 132 -18.26 0.08 10.47
C HIS C 132 -18.68 0.37 11.91
N CYS C 133 -18.90 -0.69 12.66
CA CYS C 133 -19.16 -0.60 14.09
C CYS C 133 -17.87 -0.16 14.78
N ALA C 134 -18.00 0.56 15.88
CA ALA C 134 -16.84 1.03 16.63
C ALA C 134 -17.20 1.37 18.09
N PRO C 135 -17.50 0.38 18.91
CA PRO C 135 -17.78 0.62 20.33
C PRO C 135 -16.47 0.94 21.06
N PRO C 136 -16.35 2.08 21.72
CA PRO C 136 -15.10 2.44 22.41
C PRO C 136 -14.55 1.29 23.26
N GLY C 137 -13.27 0.97 23.08
CA GLY C 137 -12.60 -0.09 23.80
C GLY C 137 -12.71 -1.50 23.22
N MET C 138 -13.57 -1.66 22.21
CA MET C 138 -13.83 -2.95 21.57
C MET C 138 -13.88 -2.83 20.06
N VAL C 139 -13.25 -1.79 19.52
CA VAL C 139 -13.42 -1.42 18.10
C VAL C 139 -12.97 -2.51 17.12
N PRO C 140 -11.71 -2.96 17.17
CA PRO C 140 -11.25 -3.95 16.18
C PRO C 140 -12.02 -5.27 16.26
N TRP C 141 -12.39 -5.71 17.45
CA TRP C 141 -13.16 -6.95 17.60
C TRP C 141 -14.46 -6.95 16.78
N HIS C 142 -15.23 -5.87 16.88
CA HIS C 142 -16.49 -5.76 16.14
C HIS C 142 -16.26 -5.67 14.62
N VAL C 143 -15.22 -4.95 14.21
CA VAL C 143 -14.95 -4.79 12.77
C VAL C 143 -14.53 -6.12 12.15
N VAL C 144 -13.60 -6.83 12.80
CA VAL C 144 -13.13 -8.11 12.27
C VAL C 144 -14.08 -9.28 12.56
N SER C 145 -15.18 -9.02 13.27
CA SER C 145 -16.29 -9.95 13.35
C SER C 145 -17.34 -9.68 12.26
N GLY C 146 -16.98 -8.88 11.27
CA GLY C 146 -17.81 -8.63 10.10
C GLY C 146 -18.72 -7.42 10.17
N GLY C 147 -18.54 -6.58 11.18
CA GLY C 147 -19.37 -5.40 11.38
C GLY C 147 -18.90 -4.21 10.56
N ASN C 148 -19.03 -4.33 9.25
CA ASN C 148 -18.62 -3.29 8.32
C ASN C 148 -19.29 -3.47 6.97
N GLY C 149 -19.39 -2.38 6.24
CA GLY C 149 -19.91 -2.35 4.89
C GLY C 149 -19.38 -1.12 4.18
N ALA C 150 -20.14 -0.60 3.24
CA ALA C 150 -19.76 0.64 2.56
C ALA C 150 -20.97 1.37 2.01
N ILE C 151 -20.76 2.64 1.64
CA ILE C 151 -21.74 3.39 0.88
C ILE C 151 -21.09 3.99 -0.33
N MET C 152 -21.90 4.38 -1.30
CA MET C 152 -21.41 5.09 -2.46
C MET C 152 -22.17 6.39 -2.54
N VAL C 153 -21.44 7.49 -2.58
CA VAL C 153 -21.99 8.81 -2.82
C VAL C 153 -21.61 9.21 -4.26
N LEU C 154 -22.55 9.06 -5.19
CA LEU C 154 -22.31 9.37 -6.59
C LEU C 154 -22.29 10.89 -6.76
N PRO C 155 -21.50 11.39 -7.70
CA PRO C 155 -21.65 12.80 -8.11
C PRO C 155 -23.05 12.97 -8.71
N ARG C 156 -23.66 14.14 -8.54
CA ARG C 156 -25.03 14.39 -9.00
C ARG C 156 -25.17 14.17 -10.51
N GLU C 157 -24.06 14.30 -11.22
CA GLU C 157 -24.01 14.20 -12.68
C GLU C 157 -23.51 12.81 -13.15
N GLY C 158 -23.47 11.85 -12.22
CA GLY C 158 -22.92 10.54 -12.48
C GLY C 158 -21.39 10.53 -12.51
N LEU C 159 -20.82 9.38 -12.86
CA LEU C 159 -19.38 9.24 -12.94
C LEU C 159 -18.83 9.85 -14.22
N HIS C 160 -17.57 10.25 -14.15
CA HIS C 160 -16.83 10.78 -15.28
C HIS C 160 -15.40 10.29 -15.21
N ASP C 161 -14.70 10.29 -16.35
CA ASP C 161 -13.28 10.00 -16.37
C ASP C 161 -12.49 11.29 -16.10
N GLY C 162 -11.17 11.21 -16.19
CA GLY C 162 -10.30 12.33 -15.86
C GLY C 162 -10.40 13.54 -16.77
N LYS C 163 -11.02 13.39 -17.93
CA LYS C 163 -11.22 14.49 -18.88
C LYS C 163 -12.67 14.97 -18.96
N GLY C 164 -13.52 14.49 -18.03
CA GLY C 164 -14.90 14.94 -17.94
C GLY C 164 -15.91 14.22 -18.83
N LYS C 165 -15.46 13.25 -19.64
CA LYS C 165 -16.37 12.42 -20.44
C LYS C 165 -17.11 11.44 -19.53
N ALA C 166 -18.38 11.21 -19.82
CA ALA C 166 -19.23 10.39 -18.96
C ALA C 166 -18.82 8.91 -18.94
N LEU C 167 -18.90 8.31 -17.75
CA LEU C 167 -18.70 6.87 -17.56
C LEU C 167 -19.97 6.30 -16.95
N THR C 168 -20.64 5.44 -17.71
CA THR C 168 -21.93 4.90 -17.32
C THR C 168 -21.88 3.37 -17.31
N TYR C 169 -22.13 2.78 -16.14
CA TYR C 169 -22.06 1.33 -16.01
C TYR C 169 -23.40 0.68 -16.34
N ASP C 170 -23.34 -0.53 -16.91
CA ASP C 170 -24.51 -1.37 -17.09
C ASP C 170 -24.85 -2.15 -15.82
N LYS C 171 -23.82 -2.55 -15.07
CA LYS C 171 -23.98 -3.36 -13.86
C LYS C 171 -23.06 -2.86 -12.75
N ILE C 172 -23.46 -3.10 -11.51
CA ILE C 172 -22.65 -2.78 -10.33
C ILE C 172 -22.68 -3.94 -9.31
N TYR C 173 -21.51 -4.25 -8.77
CA TYR C 173 -21.38 -5.27 -7.75
C TYR C 173 -20.56 -4.73 -6.58
N TYR C 174 -20.84 -5.22 -5.38
CA TYR C 174 -20.14 -4.79 -4.16
C TYR C 174 -19.50 -6.00 -3.50
N VAL C 175 -18.16 -5.99 -3.48
CA VAL C 175 -17.37 -7.01 -2.81
C VAL C 175 -16.82 -6.46 -1.48
N GLY C 176 -17.34 -6.96 -0.36
CA GLY C 176 -16.77 -6.71 0.94
C GLY C 176 -15.77 -7.78 1.32
N GLU C 177 -14.52 -7.38 1.57
CA GLU C 177 -13.46 -8.32 1.94
C GLU C 177 -13.23 -8.27 3.45
N GLN C 178 -13.12 -9.44 4.05
CA GLN C 178 -13.10 -9.58 5.50
C GLN C 178 -11.92 -10.43 5.94
N ASP C 179 -11.09 -9.86 6.82
CA ASP C 179 -10.05 -10.60 7.52
C ASP C 179 -10.64 -11.13 8.83
N PHE C 180 -10.60 -12.44 9.02
CA PHE C 180 -11.03 -13.13 10.24
C PHE C 180 -9.85 -13.72 11.02
N TYR C 181 -10.01 -13.78 12.33
CA TYR C 181 -8.99 -14.19 13.27
C TYR C 181 -9.59 -15.24 14.20
N VAL C 182 -9.61 -16.50 13.75
CA VAL C 182 -10.32 -17.53 14.48
C VAL C 182 -9.36 -18.32 15.34
N PRO C 183 -9.58 -18.34 16.66
CA PRO C 183 -8.72 -19.12 17.56
C PRO C 183 -8.69 -20.62 17.27
N ARG C 184 -7.55 -21.26 17.56
CA ARG C 184 -7.39 -22.71 17.45
C ARG C 184 -7.00 -23.28 18.79
N ASP C 185 -7.20 -24.60 18.93
CA ASP C 185 -6.75 -25.35 20.11
C ASP C 185 -5.35 -25.91 19.86
N GLU C 186 -4.84 -26.74 20.77
CA GLU C 186 -3.46 -27.24 20.71
C GLU C 186 -3.12 -28.10 19.48
N ASN C 187 -4.12 -28.79 18.95
CA ASN C 187 -3.95 -29.63 17.76
C ASN C 187 -4.32 -28.91 16.44
N GLY C 188 -4.43 -27.59 16.48
CA GLY C 188 -4.64 -26.79 15.27
C GLY C 188 -6.07 -26.76 14.74
N LYS C 189 -7.02 -27.25 15.54
CA LYS C 189 -8.43 -27.25 15.16
C LYS C 189 -9.06 -25.93 15.61
N TYR C 190 -9.87 -25.32 14.75
CA TYR C 190 -10.55 -24.07 15.07
C TYR C 190 -11.60 -24.27 16.18
N LYS C 191 -11.64 -23.35 17.14
CA LYS C 191 -12.51 -23.47 18.30
C LYS C 191 -13.93 -22.95 17.99
N LYS C 192 -14.90 -23.52 18.69
CA LYS C 192 -16.29 -23.09 18.64
C LYS C 192 -16.72 -22.57 20.01
N TYR C 193 -17.61 -21.59 20.03
CA TYR C 193 -18.14 -21.00 21.25
C TYR C 193 -19.66 -20.88 21.15
N GLU C 194 -20.33 -20.80 22.30
CA GLU C 194 -21.79 -20.71 22.35
C GLU C 194 -22.26 -19.29 22.65
N ALA C 195 -21.32 -18.35 22.68
CA ALA C 195 -21.64 -16.95 22.94
C ALA C 195 -20.52 -16.06 22.37
N PRO C 196 -20.85 -14.90 21.83
CA PRO C 196 -19.82 -14.04 21.24
C PRO C 196 -18.74 -13.65 22.26
N GLY C 197 -19.17 -13.24 23.45
CA GLY C 197 -18.28 -12.85 24.51
C GLY C 197 -17.26 -13.90 24.91
N ASP C 198 -17.62 -15.17 24.79
CA ASP C 198 -16.74 -16.28 25.20
C ASP C 198 -15.45 -16.36 24.37
N ALA C 199 -15.49 -15.88 23.13
CA ALA C 199 -14.33 -15.95 22.24
C ALA C 199 -13.44 -14.70 22.29
N TYR C 200 -13.81 -13.69 23.08
CA TYR C 200 -13.08 -12.42 23.08
C TYR C 200 -11.57 -12.54 23.39
N GLU C 201 -11.22 -13.10 24.55
CA GLU C 201 -9.82 -13.18 24.98
C GLU C 201 -8.97 -13.95 23.96
N ASP C 202 -9.50 -15.10 23.52
CA ASP C 202 -8.81 -15.94 22.55
C ASP C 202 -8.63 -15.22 21.21
N THR C 203 -9.63 -14.44 20.81
CA THR C 203 -9.60 -13.73 19.52
C THR C 203 -8.55 -12.60 19.56
N VAL C 204 -8.50 -11.86 20.67
CA VAL C 204 -7.56 -10.75 20.83
C VAL C 204 -6.12 -11.25 20.67
N LYS C 205 -5.82 -12.45 21.17
CA LYS C 205 -4.49 -13.03 21.01
C LYS C 205 -4.12 -13.30 19.54
N VAL C 206 -5.09 -13.78 18.76
CA VAL C 206 -4.88 -14.03 17.33
C VAL C 206 -4.73 -12.70 16.56
N MET C 207 -5.58 -11.74 16.87
CA MET C 207 -5.51 -10.41 16.24
C MET C 207 -4.12 -9.78 16.41
N ARG C 208 -3.53 -9.99 17.57
CA ARG C 208 -2.24 -9.37 17.89
C ARG C 208 -1.08 -9.89 17.01
N THR C 209 -1.27 -11.08 16.42
CA THR C 209 -0.32 -11.60 15.43
C THR C 209 -0.37 -10.88 14.07
N LEU C 210 -1.41 -10.06 13.86
CA LEU C 210 -1.66 -9.38 12.59
C LEU C 210 -1.72 -10.33 11.39
N THR C 211 -2.09 -11.58 11.65
CA THR C 211 -2.08 -12.62 10.65
C THR C 211 -3.47 -13.26 10.65
N PRO C 212 -4.33 -12.90 9.72
CA PRO C 212 -5.67 -13.49 9.67
C PRO C 212 -5.60 -14.98 9.32
N THR C 213 -6.50 -15.78 9.90
CA THR C 213 -6.62 -17.19 9.56
C THR C 213 -7.39 -17.36 8.24
N HIS C 214 -8.28 -16.41 7.96
CA HIS C 214 -9.12 -16.40 6.77
C HIS C 214 -9.21 -14.99 6.22
N VAL C 215 -9.23 -14.88 4.90
CA VAL C 215 -9.46 -13.63 4.20
C VAL C 215 -10.48 -13.96 3.10
N VAL C 216 -11.69 -13.45 3.24
CA VAL C 216 -12.81 -13.90 2.41
C VAL C 216 -13.61 -12.76 1.82
N PHE C 217 -14.35 -13.05 0.77
CA PHE C 217 -15.29 -12.11 0.18
C PHE C 217 -16.71 -12.51 0.58
N ASN C 218 -17.53 -11.52 0.88
CA ASN C 218 -18.95 -11.77 1.16
C ASN C 218 -19.15 -12.85 2.22
N GLY C 219 -18.27 -12.86 3.22
CA GLY C 219 -18.48 -13.62 4.45
C GLY C 219 -17.95 -15.03 4.54
N ALA C 220 -17.55 -15.65 3.42
CA ALA C 220 -17.07 -17.04 3.45
C ALA C 220 -16.26 -17.44 2.23
N VAL C 221 -15.43 -18.46 2.39
CA VAL C 221 -14.74 -19.08 1.27
C VAL C 221 -15.79 -19.54 0.25
N GLY C 222 -15.59 -19.16 -1.00
CA GLY C 222 -16.47 -19.57 -2.09
C GLY C 222 -17.82 -18.89 -2.16
N ALA C 223 -18.04 -17.85 -1.36
CA ALA C 223 -19.32 -17.13 -1.32
C ALA C 223 -19.69 -16.49 -2.66
N LEU C 224 -18.68 -16.09 -3.44
CA LEU C 224 -18.91 -15.49 -4.75
C LEU C 224 -18.31 -16.35 -5.87
N THR C 225 -18.34 -17.67 -5.70
CA THR C 225 -17.93 -18.59 -6.77
C THR C 225 -19.03 -19.63 -6.98
N GLY C 226 -18.77 -20.58 -7.89
CA GLY C 226 -19.74 -21.59 -8.25
C GLY C 226 -21.01 -20.95 -8.75
N ASP C 227 -22.10 -21.23 -8.05
CA ASP C 227 -23.41 -20.72 -8.42
C ASP C 227 -23.59 -19.24 -8.14
N LYS C 228 -22.82 -18.72 -7.18
CA LYS C 228 -22.90 -17.30 -6.80
C LYS C 228 -21.84 -16.45 -7.51
N ALA C 229 -21.30 -16.93 -8.63
CA ALA C 229 -20.49 -16.09 -9.49
C ALA C 229 -21.28 -14.86 -9.96
N MET C 230 -20.62 -13.70 -9.94
CA MET C 230 -21.15 -12.51 -10.59
C MET C 230 -21.17 -12.73 -12.11
N THR C 231 -22.07 -12.04 -12.80
CA THR C 231 -22.26 -12.25 -14.23
C THR C 231 -22.16 -10.97 -15.03
N ALA C 232 -21.70 -11.13 -16.27
CA ALA C 232 -21.72 -10.06 -17.23
C ALA C 232 -21.68 -10.68 -18.64
N ALA C 233 -21.66 -9.82 -19.65
CA ALA C 233 -21.56 -10.25 -21.02
C ALA C 233 -20.48 -9.41 -21.69
N VAL C 234 -19.95 -9.91 -22.80
CA VAL C 234 -19.01 -9.15 -23.61
C VAL C 234 -19.73 -7.85 -24.01
N GLY C 235 -19.03 -6.73 -23.87
CA GLY C 235 -19.55 -5.41 -24.20
C GLY C 235 -20.15 -4.63 -23.03
N GLU C 236 -20.36 -5.32 -21.92
CA GLU C 236 -21.01 -4.72 -20.75
C GLU C 236 -20.00 -3.98 -19.90
N LYS C 237 -20.41 -2.84 -19.37
CA LYS C 237 -19.60 -1.99 -18.50
C LYS C 237 -19.96 -2.28 -17.06
N VAL C 238 -18.98 -2.65 -16.24
CA VAL C 238 -19.23 -3.10 -14.88
C VAL C 238 -18.39 -2.32 -13.87
N LEU C 239 -19.04 -1.87 -12.80
CA LEU C 239 -18.36 -1.21 -11.69
C LEU C 239 -18.27 -2.19 -10.53
N ILE C 240 -17.06 -2.45 -10.03
CA ILE C 240 -16.83 -3.28 -8.85
C ILE C 240 -16.37 -2.39 -7.69
N VAL C 241 -17.24 -2.25 -6.69
CA VAL C 241 -16.91 -1.57 -5.45
C VAL C 241 -16.33 -2.60 -4.50
N HIS C 242 -15.22 -2.26 -3.87
CA HIS C 242 -14.49 -3.18 -3.02
C HIS C 242 -14.11 -2.43 -1.73
N SER C 243 -14.38 -3.03 -0.59
CA SER C 243 -14.08 -2.39 0.69
C SER C 243 -13.27 -3.33 1.57
N GLN C 244 -12.53 -2.75 2.51
CA GLN C 244 -11.82 -3.49 3.53
C GLN C 244 -11.65 -2.53 4.70
N ALA C 245 -12.37 -2.81 5.77
CA ALA C 245 -12.49 -1.90 6.92
C ALA C 245 -11.28 -1.93 7.86
N ASN C 246 -10.46 -2.97 7.77
CA ASN C 246 -9.37 -3.18 8.74
C ASN C 246 -7.98 -3.43 8.16
N ARG C 247 -7.89 -3.86 6.91
CA ARG C 247 -6.64 -4.42 6.41
C ARG C 247 -6.50 -4.21 4.90
N ASP C 248 -5.27 -4.03 4.44
CA ASP C 248 -5.00 -3.73 3.03
C ASP C 248 -5.43 -4.86 2.12
N THR C 249 -5.82 -4.50 0.90
CA THR C 249 -6.03 -5.48 -0.15
C THR C 249 -5.55 -4.95 -1.49
N ARG C 250 -5.39 -5.85 -2.46
CA ARG C 250 -4.87 -5.52 -3.77
C ARG C 250 -5.68 -6.24 -4.86
N PRO C 251 -6.86 -5.72 -5.20
CA PRO C 251 -7.75 -6.39 -6.16
C PRO C 251 -7.19 -6.52 -7.56
N HIS C 252 -7.55 -7.62 -8.22
CA HIS C 252 -7.12 -7.92 -9.58
C HIS C 252 -8.17 -8.81 -10.25
N LEU C 253 -8.55 -8.46 -11.48
CA LEU C 253 -9.47 -9.28 -12.27
C LEU C 253 -8.62 -10.13 -13.19
N ILE C 254 -8.54 -11.43 -12.90
CA ILE C 254 -7.70 -12.36 -13.68
C ILE C 254 -8.33 -12.56 -15.06
N GLY C 255 -7.61 -12.16 -16.10
CA GLY C 255 -8.11 -12.17 -17.47
C GLY C 255 -8.59 -10.81 -17.95
N GLY C 256 -8.65 -9.85 -17.04
CA GLY C 256 -9.11 -8.51 -17.36
C GLY C 256 -8.22 -7.43 -16.76
N HIS C 257 -8.81 -6.25 -16.59
CA HIS C 257 -8.15 -5.06 -16.06
C HIS C 257 -9.15 -4.17 -15.32
N GLY C 258 -8.64 -3.15 -14.64
CA GLY C 258 -9.44 -2.02 -14.23
C GLY C 258 -9.22 -0.94 -15.27
N ASP C 259 -10.15 -0.75 -16.20
CA ASP C 259 -9.98 0.31 -17.21
C ASP C 259 -9.84 1.69 -16.56
N TYR C 260 -10.72 1.97 -15.61
CA TYR C 260 -10.65 3.12 -14.72
C TYR C 260 -10.77 2.65 -13.27
N VAL C 261 -9.88 3.14 -12.41
CA VAL C 261 -9.91 2.72 -11.00
C VAL C 261 -9.73 3.93 -10.10
N TRP C 262 -10.76 4.24 -9.31
CA TRP C 262 -10.65 5.21 -8.23
C TRP C 262 -10.08 4.44 -7.03
N ALA C 263 -8.76 4.31 -6.99
CA ALA C 263 -8.13 3.42 -6.00
C ALA C 263 -8.27 3.97 -4.58
N THR C 264 -8.39 5.30 -4.44
CA THR C 264 -8.68 5.92 -3.14
C THR C 264 -10.16 5.90 -2.83
N GLY C 265 -10.98 5.63 -3.84
CA GLY C 265 -12.42 5.53 -3.72
C GLY C 265 -13.13 6.86 -3.86
N LYS C 266 -12.39 7.92 -4.12
CA LYS C 266 -12.95 9.27 -4.09
C LYS C 266 -13.03 9.85 -5.50
N PHE C 267 -14.23 10.26 -5.90
CA PHE C 267 -14.49 10.61 -7.31
C PHE C 267 -13.96 11.97 -7.77
N ASN C 268 -13.60 12.85 -6.84
CA ASN C 268 -12.92 14.10 -7.23
C ASN C 268 -11.41 13.93 -7.38
N THR C 269 -10.90 12.75 -7.03
CA THR C 269 -9.52 12.36 -7.36
C THR C 269 -9.61 11.55 -8.66
N PRO C 270 -9.04 12.06 -9.76
CA PRO C 270 -9.16 11.36 -11.06
C PRO C 270 -8.73 9.88 -10.98
N PRO C 271 -9.37 9.00 -11.74
CA PRO C 271 -9.08 7.56 -11.66
C PRO C 271 -7.77 7.22 -12.34
N ASP C 272 -7.09 6.19 -11.83
CA ASP C 272 -5.98 5.56 -12.53
C ASP C 272 -6.57 4.77 -13.71
N VAL C 273 -5.77 4.49 -14.73
CA VAL C 273 -6.27 3.75 -15.89
C VAL C 273 -5.38 2.58 -16.29
N ASP C 274 -5.99 1.63 -17.01
CA ASP C 274 -5.32 0.43 -17.51
C ASP C 274 -4.65 -0.42 -16.41
N GLN C 275 -5.28 -0.46 -15.24
CA GLN C 275 -4.71 -1.13 -14.06
C GLN C 275 -4.74 -2.68 -14.13
N GLU C 276 -3.64 -3.30 -13.72
CA GLU C 276 -3.57 -4.76 -13.57
C GLU C 276 -4.05 -5.15 -12.17
N THR C 277 -3.49 -4.49 -11.17
CA THR C 277 -3.78 -4.76 -9.76
C THR C 277 -3.77 -3.43 -9.02
N TRP C 278 -4.85 -3.12 -8.32
CA TRP C 278 -4.94 -1.84 -7.63
C TRP C 278 -4.84 -2.08 -6.12
N PHE C 279 -4.80 -1.00 -5.35
CA PHE C 279 -4.50 -1.11 -3.93
C PHE C 279 -5.46 -0.28 -3.11
N ILE C 280 -6.10 -0.94 -2.14
CA ILE C 280 -7.03 -0.31 -1.22
C ILE C 280 -6.51 -0.52 0.20
N PRO C 281 -6.17 0.54 0.91
CA PRO C 281 -5.66 0.40 2.28
C PRO C 281 -6.78 0.04 3.23
N GLY C 282 -6.44 -0.67 4.29
CA GLY C 282 -7.38 -0.94 5.37
C GLY C 282 -8.00 0.35 5.87
N GLY C 283 -9.32 0.30 6.09
CA GLY C 283 -10.10 1.48 6.40
C GLY C 283 -10.67 2.24 5.21
N ALA C 284 -10.68 1.64 4.03
CA ALA C 284 -11.16 2.35 2.84
C ALA C 284 -11.90 1.47 1.84
N ALA C 285 -12.61 2.12 0.94
CA ALA C 285 -13.21 1.48 -0.21
C ALA C 285 -12.63 2.09 -1.49
N GLY C 286 -12.57 1.30 -2.55
CA GLY C 286 -12.19 1.72 -3.89
C GLY C 286 -13.23 1.23 -4.90
N ALA C 287 -13.07 1.64 -6.15
CA ALA C 287 -13.99 1.22 -7.21
C ALA C 287 -13.27 1.12 -8.55
N ALA C 288 -13.59 0.07 -9.30
CA ALA C 288 -13.03 -0.16 -10.62
C ALA C 288 -14.14 -0.33 -11.66
N PHE C 289 -13.91 0.25 -12.83
CA PHE C 289 -14.83 0.25 -13.97
C PHE C 289 -14.15 -0.53 -15.10
N TYR C 290 -14.82 -1.56 -15.64
CA TYR C 290 -14.26 -2.40 -16.70
C TYR C 290 -15.31 -2.77 -17.75
N THR C 291 -14.92 -2.71 -19.02
CA THR C 291 -15.77 -3.16 -20.12
C THR C 291 -15.26 -4.53 -20.56
N PHE C 292 -16.04 -5.58 -20.34
CA PHE C 292 -15.64 -6.92 -20.72
C PHE C 292 -15.52 -7.04 -22.24
N GLN C 293 -14.48 -7.75 -22.67
CA GLN C 293 -14.10 -7.94 -24.06
C GLN C 293 -14.06 -9.41 -24.47
N GLN C 294 -14.02 -10.31 -23.47
CA GLN C 294 -13.88 -11.75 -23.72
C GLN C 294 -14.86 -12.52 -22.84
N PRO C 295 -15.44 -13.60 -23.38
CA PRO C 295 -16.31 -14.47 -22.60
C PRO C 295 -15.49 -15.44 -21.75
N GLY C 296 -16.17 -16.13 -20.84
CA GLY C 296 -15.55 -17.19 -20.05
C GLY C 296 -15.52 -16.86 -18.58
N ILE C 297 -14.79 -17.67 -17.83
CA ILE C 297 -14.70 -17.51 -16.39
C ILE C 297 -13.50 -16.61 -16.07
N TYR C 298 -13.75 -15.61 -15.24
CA TYR C 298 -12.70 -14.75 -14.69
C TYR C 298 -12.66 -15.02 -13.20
N ALA C 299 -11.49 -14.93 -12.59
CA ALA C 299 -11.38 -14.93 -11.15
C ALA C 299 -10.99 -13.54 -10.69
N TYR C 300 -11.64 -13.05 -9.64
CA TYR C 300 -11.39 -11.72 -9.09
C TYR C 300 -10.83 -11.98 -7.71
N VAL C 301 -9.63 -11.49 -7.44
CA VAL C 301 -8.88 -11.90 -6.24
C VAL C 301 -8.17 -10.73 -5.56
N ASN C 302 -7.84 -10.92 -4.29
CA ASN C 302 -6.79 -10.18 -3.61
C ASN C 302 -5.50 -10.82 -4.13
N HIS C 303 -4.65 -10.04 -4.80
CA HIS C 303 -3.51 -10.62 -5.49
C HIS C 303 -2.26 -10.81 -4.63
N ASN C 304 -2.40 -10.87 -3.31
CA ASN C 304 -1.51 -11.73 -2.55
C ASN C 304 -2.16 -13.10 -2.74
N LEU C 305 -1.56 -13.90 -3.60
CA LEU C 305 -2.16 -15.16 -4.05
C LEU C 305 -2.27 -16.21 -2.94
N ILE C 306 -1.46 -16.08 -1.89
CA ILE C 306 -1.69 -16.86 -0.67
C ILE C 306 -3.02 -16.48 -0.05
N GLU C 307 -3.28 -15.18 0.07
CA GLU C 307 -4.55 -14.72 0.63
C GLU C 307 -5.72 -15.16 -0.27
N ALA C 308 -5.54 -15.09 -1.59
CA ALA C 308 -6.62 -15.47 -2.51
C ALA C 308 -6.93 -16.97 -2.49
N PHE C 309 -5.89 -17.79 -2.59
CA PHE C 309 -6.08 -19.20 -2.93
C PHE C 309 -5.83 -20.17 -1.78
N GLU C 310 -5.18 -19.68 -0.72
CA GLU C 310 -5.07 -20.44 0.52
C GLU C 310 -6.05 -19.94 1.57
N LEU C 311 -6.24 -18.62 1.67
CA LEU C 311 -7.02 -18.06 2.79
C LEU C 311 -8.48 -17.71 2.44
N GLY C 312 -8.81 -17.62 1.15
CA GLY C 312 -10.20 -17.52 0.71
C GLY C 312 -10.63 -16.33 -0.13
N ALA C 313 -9.70 -15.42 -0.45
CA ALA C 313 -10.06 -14.16 -1.10
C ALA C 313 -10.13 -14.27 -2.64
N ALA C 314 -11.10 -15.04 -3.12
CA ALA C 314 -11.27 -15.27 -4.57
C ALA C 314 -12.76 -15.35 -4.91
N ALA C 315 -13.15 -14.63 -5.96
CA ALA C 315 -14.51 -14.66 -6.52
C ALA C 315 -14.44 -14.99 -8.00
N HIS C 316 -15.59 -15.29 -8.61
CA HIS C 316 -15.67 -15.55 -10.05
C HIS C 316 -16.66 -14.62 -10.76
N PHE C 317 -16.35 -14.31 -12.01
CA PHE C 317 -17.31 -13.77 -12.97
C PHE C 317 -17.53 -14.82 -14.07
N LYS C 318 -18.78 -15.08 -14.43
CA LYS C 318 -19.11 -15.86 -15.62
C LYS C 318 -19.64 -14.90 -16.66
N VAL C 319 -18.99 -14.86 -17.82
CA VAL C 319 -19.25 -13.87 -18.86
C VAL C 319 -19.67 -14.57 -20.16
N THR C 320 -20.78 -14.12 -20.76
CA THR C 320 -21.29 -14.69 -22.00
C THR C 320 -20.77 -13.91 -23.18
N GLY C 321 -20.83 -14.51 -24.36
CA GLY C 321 -20.53 -13.78 -25.59
C GLY C 321 -19.57 -14.47 -26.52
N GLU C 322 -19.13 -13.74 -27.53
CA GLU C 322 -18.27 -14.27 -28.59
C GLU C 322 -16.79 -14.05 -28.25
N TRP C 323 -15.98 -15.09 -28.44
CA TRP C 323 -14.55 -15.00 -28.26
C TRP C 323 -13.90 -14.11 -29.32
N ASN C 324 -12.89 -13.33 -28.92
CA ASN C 324 -12.17 -12.39 -29.77
C ASN C 324 -10.75 -12.90 -30.01
N ASP C 325 -10.50 -13.45 -31.21
CA ASP C 325 -9.20 -14.01 -31.56
C ASP C 325 -8.12 -12.96 -31.83
N ASP C 326 -8.53 -11.74 -32.17
CA ASP C 326 -7.60 -10.63 -32.33
C ASP C 326 -6.93 -10.31 -30.99
N LEU C 327 -7.73 -10.19 -29.93
CA LEU C 327 -7.20 -9.95 -28.58
C LEU C 327 -6.37 -11.13 -28.04
N MET C 328 -6.82 -12.35 -28.30
CA MET C 328 -6.13 -13.55 -27.83
C MET C 328 -6.53 -14.80 -28.58
N THR C 329 -5.53 -15.60 -28.96
CA THR C 329 -5.75 -16.87 -29.64
C THR C 329 -4.67 -17.88 -29.27
N SER C 330 -5.08 -19.13 -29.15
CA SER C 330 -4.15 -20.25 -29.02
C SER C 330 -3.70 -20.67 -30.42
N VAL C 331 -2.51 -20.22 -30.81
CA VAL C 331 -1.92 -20.57 -32.10
C VAL C 331 -1.62 -22.07 -32.18
N LEU C 332 -1.04 -22.60 -31.11
CA LEU C 332 -0.83 -24.03 -30.96
C LEU C 332 -1.30 -24.45 -29.58
N ALA C 333 -2.33 -25.29 -29.52
CA ALA C 333 -2.84 -25.80 -28.24
C ALA C 333 -1.80 -26.71 -27.60
N PRO C 334 -1.80 -26.81 -26.27
CA PRO C 334 -0.93 -27.75 -25.56
C PRO C 334 -0.83 -29.14 -26.25
N SER C 335 0.40 -29.53 -26.61
CA SER C 335 0.64 -30.78 -27.35
C SER C 335 2.11 -31.22 -27.30
N GLY C 336 2.34 -32.51 -27.53
CA GLY C 336 3.68 -33.09 -27.46
C GLY C 336 4.75 -32.41 -28.32
#